data_2X89
#
_entry.id   2X89
#
_cell.length_a   77.490
_cell.length_b   100.864
_cell.length_c   83.743
_cell.angle_alpha   90.00
_cell.angle_beta   106.43
_cell.angle_gamma   90.00
#
_symmetry.space_group_name_H-M   'P 1 21 1'
#
loop_
_entity.id
_entity.type
_entity.pdbx_description
1 polymer ANTIBODY
2 polymer BETA-2-MICROGLOBULIN
3 water water
#
loop_
_entity_poly.entity_id
_entity_poly.type
_entity_poly.pdbx_seq_one_letter_code
_entity_poly.pdbx_strand_id
1 'polypeptide(L)'
;QVQLQESGGGSVQAGGSLRLSCAASGYTDSRYCMAWFRQAPGKEREWVARINSGRDITYYADSVKGRFTFSQDNAKNTVY
LQMDSLEPEDTATYYCATDIPLRCRDIVAKGGDGFRYWGQGTQVTVSS
;
A,B,C
2 'polypeptide(L)'
;MIQVYSRHPAENGKSNFLNCYVSGFHPSDIEVDLLKNGERIEKVEHSDLSFSKDWSFYLLYYTEFTPTEKDEYACRVNHV
TLSQPKIVKWDRDM
;
D,E,F,G
#
# COMPACT_ATOMS: atom_id res chain seq x y z
N GLN A 1 39.27 -12.89 15.45
CA GLN A 1 38.84 -12.02 14.32
C GLN A 1 38.12 -10.74 14.67
N VAL A 2 36.99 -10.80 15.39
CA VAL A 2 36.38 -9.56 15.88
C VAL A 2 37.21 -8.93 17.02
N GLN A 3 37.51 -7.65 16.89
CA GLN A 3 38.16 -6.90 17.96
C GLN A 3 37.49 -5.54 18.24
N LEU A 4 37.36 -5.18 19.51
CA LEU A 4 36.70 -3.92 19.92
C LEU A 4 37.68 -2.86 20.46
N GLN A 5 37.50 -1.61 20.05
CA GLN A 5 38.33 -0.48 20.50
C GLN A 5 37.42 0.55 21.14
N GLU A 6 37.58 0.82 22.44
CA GLU A 6 36.83 1.91 23.08
C GLU A 6 37.70 2.88 23.88
N SER A 7 37.22 4.09 24.10
CA SER A 7 38.03 5.10 24.79
C SER A 7 37.07 6.22 25.13
N GLY A 8 37.60 7.30 25.72
CA GLY A 8 36.83 8.47 26.05
C GLY A 8 36.47 8.77 27.50
N GLY A 9 36.83 7.93 28.45
CA GLY A 9 36.45 8.18 29.84
C GLY A 9 37.23 9.34 30.44
N GLY A 10 36.74 9.88 31.56
CA GLY A 10 37.50 10.91 32.25
C GLY A 10 36.84 11.23 33.59
N SER A 11 37.52 12.04 34.41
CA SER A 11 36.96 12.55 35.69
C SER A 11 36.61 14.02 35.56
N VAL A 12 35.32 14.28 35.44
CA VAL A 12 34.80 15.60 35.08
C VAL A 12 33.86 16.10 36.20
N GLN A 13 33.26 17.27 36.02
CA GLN A 13 32.33 17.76 37.02
C GLN A 13 30.88 17.60 36.53
N ALA A 14 29.94 17.60 37.47
CA ALA A 14 28.54 17.53 37.12
C ALA A 14 28.26 18.68 36.23
N GLY A 15 27.49 18.41 35.18
CA GLY A 15 27.23 19.39 34.14
C GLY A 15 28.20 19.25 32.96
N GLY A 16 29.28 18.51 33.13
CA GLY A 16 30.22 18.34 32.04
C GLY A 16 29.81 17.36 30.94
N SER A 17 30.73 17.02 30.02
CA SER A 17 30.44 16.16 28.88
C SER A 17 31.63 15.23 28.69
N LEU A 18 31.36 14.05 28.16
CA LEU A 18 32.41 13.13 27.68
C LEU A 18 31.90 12.53 26.38
N ARG A 19 32.80 12.31 25.42
CA ARG A 19 32.42 11.75 24.14
C ARG A 19 33.07 10.36 24.06
N LEU A 20 32.33 9.32 24.34
CA LEU A 20 32.94 7.97 24.33
C LEU A 20 32.98 7.41 22.91
N SER A 21 34.03 6.69 22.52
CA SER A 21 33.96 6.04 21.23
C SER A 21 33.99 4.50 21.35
N CYS A 22 33.35 3.81 20.42
CA CYS A 22 33.52 2.37 20.25
C CYS A 22 33.53 2.11 18.74
N ALA A 23 34.35 1.14 18.35
CA ALA A 23 34.51 0.64 16.97
C ALA A 23 34.96 -0.79 17.09
N ALA A 24 34.54 -1.60 16.12
CA ALA A 24 34.96 -3.00 16.02
C ALA A 24 35.44 -3.23 14.63
N SER A 25 36.50 -4.00 14.56
CA SER A 25 36.94 -4.57 13.32
C SER A 25 36.59 -6.09 13.31
N GLY A 26 36.51 -6.65 12.11
CA GLY A 26 36.42 -8.10 11.96
C GLY A 26 35.05 -8.57 11.55
N TYR A 27 34.13 -7.65 11.35
CA TYR A 27 32.79 -8.07 10.96
C TYR A 27 32.57 -7.98 9.47
N THR A 28 31.86 -8.96 8.91
CA THR A 28 31.72 -8.97 7.46
C THR A 28 30.90 -7.69 7.08
N ASP A 29 31.37 -7.02 6.04
CA ASP A 29 30.94 -5.69 5.57
C ASP A 29 30.77 -4.66 6.64
N SER A 30 31.54 -4.80 7.71
CA SER A 30 31.41 -3.92 8.88
C SER A 30 29.98 -3.70 9.44
N ARG A 31 29.20 -4.77 9.58
CA ARG A 31 27.81 -4.68 10.05
C ARG A 31 27.60 -5.30 11.40
N TYR A 32 27.14 -4.50 12.36
CA TYR A 32 27.01 -4.94 13.70
C TYR A 32 26.26 -3.92 14.48
N CYS A 33 25.38 -4.42 15.35
CA CYS A 33 24.78 -3.56 16.30
C CYS A 33 25.77 -3.18 17.44
N MET A 34 25.38 -2.19 18.25
CA MET A 34 26.29 -1.70 19.31
C MET A 34 25.46 -1.30 20.51
N ALA A 35 25.97 -1.56 21.70
CA ALA A 35 25.25 -1.29 22.95
C ALA A 35 26.31 -0.83 23.92
N TRP A 36 25.88 0.10 24.81
CA TRP A 36 26.64 0.54 25.97
C TRP A 36 25.92 0.14 27.20
N PHE A 37 26.75 -0.25 28.18
CA PHE A 37 26.43 -0.73 29.52
C PHE A 37 27.39 0.04 30.45
N ARG A 38 27.03 0.11 31.71
CA ARG A 38 27.93 0.60 32.68
C ARG A 38 27.71 -0.10 33.98
N GLN A 39 28.72 -0.01 34.80
CA GLN A 39 28.72 -0.65 36.06
C GLN A 39 29.54 0.12 37.07
N ALA A 40 28.88 0.48 38.16
CA ALA A 40 29.49 1.14 39.29
C ALA A 40 30.08 0.10 40.25
N PRO A 41 31.19 0.41 40.93
CA PRO A 41 31.76 -0.51 41.93
C PRO A 41 30.71 -1.08 42.91
N GLY A 42 30.85 -2.40 43.16
CA GLY A 42 29.88 -3.22 43.87
C GLY A 42 28.44 -3.22 43.36
N LYS A 43 28.22 -2.78 42.14
CA LYS A 43 26.87 -2.72 41.58
C LYS A 43 26.71 -3.62 40.35
N GLU A 44 25.47 -3.94 40.01
CA GLU A 44 25.19 -4.76 38.87
C GLU A 44 25.29 -3.87 37.63
N ARG A 45 25.82 -4.44 36.57
CA ARG A 45 25.90 -3.81 35.27
C ARG A 45 24.52 -3.32 34.88
N GLU A 46 24.43 -2.19 34.22
CA GLU A 46 23.18 -1.55 33.88
C GLU A 46 23.25 -1.21 32.37
N TRP A 47 22.21 -1.50 31.60
CA TRP A 47 22.15 -1.15 30.19
C TRP A 47 21.96 0.38 30.02
N VAL A 48 22.67 0.96 29.08
CA VAL A 48 22.61 2.39 28.85
C VAL A 48 21.91 2.86 27.49
N ALA A 49 22.28 2.19 26.42
CA ALA A 49 21.98 2.66 25.10
C ALA A 49 22.31 1.52 24.09
N ARG A 50 21.50 1.50 23.03
CA ARG A 50 21.58 0.58 21.93
C ARG A 50 21.32 1.31 20.59
N ILE A 51 22.14 0.98 19.62
CA ILE A 51 22.00 1.41 18.22
C ILE A 51 21.96 0.17 17.28
N ASN A 52 21.06 0.13 16.32
CA ASN A 52 20.97 -0.99 15.41
C ASN A 52 22.17 -1.02 14.36
N SER A 53 22.29 -2.10 13.63
CA SER A 53 23.34 -2.27 12.68
C SER A 53 23.11 -1.32 11.48
N GLY A 54 21.86 -1.04 11.15
CA GLY A 54 21.62 -0.04 10.09
C GLY A 54 21.95 1.36 10.58
N ARG A 55 22.20 1.53 11.86
CA ARG A 55 22.60 2.81 12.45
C ARG A 55 21.50 3.87 12.39
N ASP A 56 20.24 3.44 12.24
CA ASP A 56 19.17 4.43 12.13
C ASP A 56 18.09 4.39 13.24
N ILE A 57 18.24 3.49 14.17
CA ILE A 57 17.35 3.39 15.26
C ILE A 57 18.13 3.26 16.55
N THR A 58 17.73 4.07 17.54
CA THR A 58 18.43 4.14 18.81
C THR A 58 17.46 3.92 20.00
N TYR A 59 17.98 3.32 21.07
CA TYR A 59 17.21 3.20 22.29
C TYR A 59 18.06 3.65 23.46
N TYR A 60 17.45 4.42 24.40
CA TYR A 60 18.15 4.95 25.57
C TYR A 60 17.49 4.64 26.88
N ALA A 61 18.29 4.32 27.91
CA ALA A 61 17.70 4.12 29.24
C ALA A 61 16.99 5.38 29.69
N ASP A 62 15.93 5.23 30.48
CA ASP A 62 15.15 6.32 31.01
C ASP A 62 16.01 7.50 31.56
N SER A 63 17.05 7.16 32.32
CA SER A 63 17.84 8.15 33.07
C SER A 63 18.86 8.92 32.24
N VAL A 64 19.09 8.48 30.99
CA VAL A 64 20.09 9.08 30.11
C VAL A 64 19.49 9.66 28.81
N LYS A 65 18.24 9.38 28.55
CA LYS A 65 17.59 9.79 27.35
C LYS A 65 17.49 11.33 27.34
N GLY A 66 17.90 11.92 26.20
CA GLY A 66 17.97 13.40 26.04
C GLY A 66 19.30 13.94 26.51
N ARG A 67 20.10 13.15 27.25
CA ARG A 67 21.37 13.68 27.72
C ARG A 67 22.60 13.00 26.98
N PHE A 68 22.50 11.69 26.81
CA PHE A 68 23.42 10.86 26.06
C PHE A 68 22.82 10.68 24.65
N THR A 69 23.62 10.80 23.59
CA THR A 69 23.07 10.64 22.24
C THR A 69 24.13 10.00 21.35
N PHE A 70 23.77 8.92 20.67
CA PHE A 70 24.65 8.33 19.66
C PHE A 70 25.02 9.34 18.59
N SER A 71 26.22 9.19 18.03
CA SER A 71 26.71 10.10 17.00
C SER A 71 27.42 9.34 15.89
N GLN A 72 26.90 9.44 14.67
CA GLN A 72 27.08 8.41 13.67
C GLN A 72 27.53 9.00 12.33
N ASP A 73 28.37 8.26 11.62
CA ASP A 73 28.61 8.52 10.20
C ASP A 73 29.15 7.28 9.50
N ASN A 74 28.56 6.95 8.36
CA ASN A 74 29.11 5.92 7.48
C ASN A 74 29.90 6.52 6.32
N ALA A 75 31.19 6.78 6.57
CA ALA A 75 32.03 5.84 7.30
C ALA A 75 32.61 6.47 8.56
N LYS A 76 32.81 5.65 9.59
CA LYS A 76 34.09 5.01 9.81
C LYS A 76 33.94 3.76 10.68
N ASN A 77 32.72 3.50 11.10
CA ASN A 77 32.44 2.38 12.01
C ASN A 77 32.84 2.68 13.45
N THR A 78 33.59 3.77 13.63
CA THR A 78 33.71 4.41 14.93
C THR A 78 32.44 5.17 15.30
N VAL A 79 31.76 4.70 16.34
CA VAL A 79 30.53 5.34 16.81
C VAL A 79 30.74 6.02 18.16
N TYR A 80 30.26 7.25 18.28
CA TYR A 80 30.41 8.01 19.52
C TYR A 80 29.12 7.99 20.34
N LEU A 81 29.26 7.82 21.64
CA LEU A 81 28.19 8.20 22.60
C LEU A 81 28.49 9.58 23.21
N GLN A 82 27.81 10.62 22.73
CA GLN A 82 27.94 11.96 23.31
C GLN A 82 27.18 12.03 24.72
N MET A 83 27.94 12.10 25.79
CA MET A 83 27.37 12.14 27.17
C MET A 83 27.44 13.53 27.70
N ASP A 84 26.34 14.28 27.52
CA ASP A 84 26.19 15.64 28.03
C ASP A 84 25.47 15.70 29.42
N SER A 85 25.64 16.85 30.06
CA SER A 85 24.96 17.25 31.29
C SER A 85 25.10 16.10 32.29
N LEU A 86 26.35 15.69 32.46
CA LEU A 86 26.69 14.55 33.27
C LEU A 86 26.29 14.80 34.76
N GLU A 87 26.03 13.71 35.47
CA GLU A 87 25.47 13.73 36.85
C GLU A 87 26.30 12.75 37.67
N PRO A 88 26.47 12.97 39.00
CA PRO A 88 27.24 11.99 39.85
C PRO A 88 26.87 10.51 39.69
N GLU A 89 25.58 10.24 39.45
CA GLU A 89 25.02 8.88 39.22
C GLU A 89 25.51 8.18 37.98
N ASP A 90 26.09 8.95 37.06
CA ASP A 90 26.60 8.43 35.79
C ASP A 90 28.01 7.80 35.98
N THR A 91 28.62 7.95 37.16
CA THR A 91 29.92 7.38 37.56
C THR A 91 29.85 5.85 37.47
N ALA A 92 30.73 5.24 36.68
CA ALA A 92 30.77 3.77 36.44
C ALA A 92 31.89 3.55 35.44
N THR A 93 32.18 2.27 35.19
CA THR A 93 32.92 1.83 34.01
C THR A 93 31.89 1.51 32.92
N TYR A 94 32.08 2.09 31.72
CA TYR A 94 31.27 1.96 30.50
C TYR A 94 31.90 0.92 29.55
N TYR A 95 31.07 -0.02 29.09
CA TYR A 95 31.44 -1.12 28.22
C TYR A 95 30.57 -1.02 26.99
N CYS A 96 31.21 -1.16 25.84
CA CYS A 96 30.58 -1.27 24.58
C CYS A 96 30.46 -2.79 24.29
N ALA A 97 29.39 -3.25 23.66
CA ALA A 97 29.20 -4.66 23.31
C ALA A 97 28.70 -4.61 21.93
N THR A 98 28.99 -5.63 21.13
CA THR A 98 28.57 -5.67 19.70
C THR A 98 28.24 -7.09 19.34
N ASP A 99 27.40 -7.26 18.31
CA ASP A 99 27.19 -8.55 17.66
C ASP A 99 26.72 -8.34 16.19
N ILE A 100 26.59 -9.43 15.43
CA ILE A 100 26.03 -9.49 14.06
C ILE A 100 24.53 -9.30 14.02
N PRO A 101 24.00 -8.70 12.93
CA PRO A 101 22.57 -8.42 12.84
C PRO A 101 21.62 -9.58 13.27
N LEU A 102 21.93 -10.82 12.89
CA LEU A 102 21.08 -12.03 13.11
C LEU A 102 20.86 -12.29 14.60
N ARG A 103 21.93 -12.26 15.36
CA ARG A 103 21.91 -12.28 16.82
C ARG A 103 21.37 -11.03 17.48
N CYS A 104 21.70 -9.86 16.94
CA CYS A 104 21.20 -8.60 17.50
C CYS A 104 19.66 -8.56 17.52
N ARG A 105 19.02 -9.16 16.47
CA ARG A 105 17.55 -9.13 16.34
C ARG A 105 16.85 -9.74 17.56
N ASP A 106 17.49 -10.74 18.20
CA ASP A 106 16.93 -11.38 19.38
C ASP A 106 17.56 -10.96 20.73
N ILE A 107 18.53 -10.06 20.70
CA ILE A 107 18.99 -9.35 21.91
C ILE A 107 18.07 -8.14 22.20
N VAL A 108 17.28 -8.24 23.25
CA VAL A 108 16.26 -7.25 23.55
C VAL A 108 16.78 -5.83 23.68
N ALA A 109 16.08 -4.89 23.03
CA ALA A 109 16.74 -3.62 22.84
C ALA A 109 17.16 -2.97 24.18
N LYS A 110 16.28 -2.97 25.14
CA LYS A 110 16.51 -2.31 26.40
C LYS A 110 17.01 -3.22 27.50
N GLY A 111 18.29 -3.56 27.50
CA GLY A 111 18.75 -4.31 28.63
C GLY A 111 19.23 -5.66 28.22
N GLY A 112 19.01 -6.04 26.98
CA GLY A 112 19.41 -7.38 26.51
C GLY A 112 20.92 -7.38 26.54
N ASP A 113 21.57 -8.48 26.95
CA ASP A 113 23.02 -8.44 27.05
C ASP A 113 23.77 -9.64 26.52
N GLY A 114 23.05 -10.50 25.78
CA GLY A 114 23.59 -11.67 25.07
C GLY A 114 24.59 -11.41 23.93
N PHE A 115 25.22 -10.22 23.91
CA PHE A 115 26.26 -9.90 22.90
C PHE A 115 27.47 -10.82 23.04
N ARG A 116 28.03 -11.23 21.92
CA ARG A 116 29.19 -12.14 22.00
C ARG A 116 30.45 -11.33 22.34
N TYR A 117 30.45 -10.02 22.08
CA TYR A 117 31.71 -9.30 22.17
C TYR A 117 31.60 -8.05 22.97
N TRP A 118 32.49 -7.87 23.91
CA TRP A 118 32.49 -6.79 24.85
C TRP A 118 33.84 -6.09 24.76
N GLY A 119 33.87 -4.77 24.89
CA GLY A 119 35.17 -4.17 25.01
C GLY A 119 35.65 -4.17 26.46
N GLN A 120 36.86 -3.63 26.63
CA GLN A 120 37.47 -3.32 27.91
C GLN A 120 36.83 -2.04 28.43
N GLY A 121 36.56 -1.99 29.73
CA GLY A 121 35.75 -0.85 30.20
C GLY A 121 36.46 0.47 30.07
N THR A 122 35.68 1.55 30.01
CA THR A 122 36.24 2.88 30.10
C THR A 122 35.74 3.58 31.37
N GLN A 123 36.66 4.05 32.21
CA GLN A 123 36.24 4.56 33.52
C GLN A 123 35.68 5.98 33.47
N VAL A 124 34.53 6.22 34.07
CA VAL A 124 33.89 7.55 34.07
C VAL A 124 33.58 7.90 35.52
N THR A 125 33.89 9.14 35.94
CA THR A 125 33.72 9.69 37.28
C THR A 125 33.26 11.13 37.11
N VAL A 126 32.11 11.43 37.71
CA VAL A 126 31.45 12.71 37.69
C VAL A 126 31.29 13.15 39.16
N SER A 127 31.83 14.30 39.54
CA SER A 127 31.78 14.68 40.93
C SER A 127 30.68 15.71 41.05
N SER A 128 30.09 15.81 42.25
CA SER A 128 28.91 16.68 42.44
C SER A 128 29.23 18.16 42.32
N GLN B 1 3.05 13.58 12.12
CA GLN B 1 2.74 14.19 13.44
C GLN B 1 1.28 14.57 13.46
N VAL B 2 0.51 13.70 14.07
CA VAL B 2 -0.82 13.99 14.53
C VAL B 2 -0.69 14.93 15.76
N GLN B 3 -1.32 16.10 15.70
CA GLN B 3 -1.45 16.96 16.85
C GLN B 3 -2.94 17.25 17.11
N LEU B 4 -3.33 17.17 18.38
CA LEU B 4 -4.73 17.41 18.78
C LEU B 4 -4.97 18.79 19.44
N GLN B 5 -6.02 19.47 19.06
CA GLN B 5 -6.21 20.84 19.57
C GLN B 5 -7.55 20.84 20.24
N GLU B 6 -7.59 21.19 21.52
CA GLU B 6 -8.85 21.34 22.24
C GLU B 6 -9.09 22.79 22.65
N SER B 7 -10.35 23.12 22.92
CA SER B 7 -10.67 24.34 23.65
C SER B 7 -12.09 24.29 24.21
N GLY B 8 -12.48 25.34 24.93
CA GLY B 8 -13.04 25.19 26.25
C GLY B 8 -14.53 25.47 26.29
N GLY B 9 -15.16 25.18 27.43
CA GLY B 9 -14.43 24.95 28.66
C GLY B 9 -14.24 26.22 29.47
N GLY B 10 -14.74 26.20 30.70
CA GLY B 10 -14.84 27.42 31.49
C GLY B 10 -15.46 27.17 32.86
N SER B 11 -15.67 28.24 33.60
CA SER B 11 -16.39 28.17 34.88
C SER B 11 -17.82 28.66 34.73
N VAL B 12 -18.77 27.74 34.75
CA VAL B 12 -20.16 28.07 34.55
C VAL B 12 -21.07 27.61 35.75
N GLN B 13 -22.36 27.87 35.60
CA GLN B 13 -23.37 27.68 36.59
C GLN B 13 -24.08 26.42 36.21
N ALA B 14 -24.67 25.72 37.18
CA ALA B 14 -25.60 24.64 36.87
C ALA B 14 -26.73 25.17 35.95
N GLY B 15 -27.14 24.33 35.02
CA GLY B 15 -28.05 24.77 33.98
C GLY B 15 -27.37 25.46 32.78
N GLY B 16 -26.07 25.74 32.91
CA GLY B 16 -25.28 26.34 31.83
C GLY B 16 -24.90 25.41 30.67
N SER B 17 -24.20 25.98 29.68
CA SER B 17 -23.75 25.29 28.44
C SER B 17 -22.27 25.61 28.11
N LEU B 18 -21.56 24.63 27.59
CA LEU B 18 -20.18 24.80 26.95
C LEU B 18 -20.19 24.00 25.66
N ARG B 19 -19.45 24.51 24.71
CA ARG B 19 -19.25 23.94 23.36
C ARG B 19 -17.73 23.72 23.31
N LEU B 20 -17.33 22.50 23.61
CA LEU B 20 -15.97 22.12 23.54
C LEU B 20 -15.59 21.79 22.07
N SER B 21 -14.33 22.07 21.69
CA SER B 21 -13.83 21.78 20.36
C SER B 21 -12.58 20.86 20.49
N CYS B 22 -12.44 19.98 19.50
CA CYS B 22 -11.27 19.19 19.31
C CYS B 22 -11.05 19.11 17.84
N ALA B 23 -9.81 19.29 17.40
CA ALA B 23 -9.44 19.04 15.99
C ALA B 23 -8.08 18.36 15.97
N ALA B 24 -7.93 17.41 15.07
CA ALA B 24 -6.67 16.79 14.80
C ALA B 24 -6.24 17.13 13.43
N SER B 25 -4.97 17.46 13.35
CA SER B 25 -4.30 17.62 12.10
C SER B 25 -3.27 16.48 11.93
N GLY B 26 -2.84 16.24 10.72
CA GLY B 26 -1.93 15.12 10.52
C GLY B 26 -2.59 13.81 10.07
N TYR B 27 -3.88 13.77 9.92
CA TYR B 27 -4.52 12.53 9.49
C TYR B 27 -4.69 12.48 7.99
N THR B 28 -4.37 11.35 7.32
CA THR B 28 -4.62 11.21 5.87
C THR B 28 -6.08 11.51 5.53
N ASP B 29 -6.33 12.42 4.59
CA ASP B 29 -7.71 12.77 4.28
C ASP B 29 -8.47 13.44 5.40
N SER B 30 -7.77 13.74 6.49
CA SER B 30 -8.32 14.15 7.78
C SER B 30 -9.47 13.26 8.18
N ARG B 31 -9.27 11.94 8.06
CA ARG B 31 -10.29 11.01 8.54
C ARG B 31 -9.90 10.27 9.83
N TYR B 32 -10.73 10.32 10.86
CA TYR B 32 -10.35 9.76 12.17
C TYR B 32 -11.62 9.83 13.01
N CYS B 33 -11.85 8.79 13.83
CA CYS B 33 -12.87 8.76 14.84
C CYS B 33 -12.37 9.52 16.04
N MET B 34 -13.26 9.78 16.97
CA MET B 34 -12.93 10.64 18.08
C MET B 34 -13.81 10.25 19.23
N ALA B 35 -13.21 10.32 20.42
CA ALA B 35 -13.93 10.04 21.68
C ALA B 35 -13.66 11.19 22.64
N TRP B 36 -14.56 11.35 23.59
CA TRP B 36 -14.40 12.29 24.75
C TRP B 36 -14.45 11.57 26.02
N PHE B 37 -13.54 11.95 26.90
CA PHE B 37 -13.46 11.33 28.24
C PHE B 37 -13.29 12.52 29.16
N ARG B 38 -13.48 12.23 30.46
CA ARG B 38 -13.29 13.25 31.46
C ARG B 38 -12.75 12.59 32.75
N GLN B 39 -12.04 13.38 33.52
CA GLN B 39 -11.42 12.92 34.76
C GLN B 39 -11.33 14.11 35.66
N ALA B 40 -11.94 14.03 36.84
CA ALA B 40 -11.67 14.91 37.97
C ALA B 40 -10.41 14.44 38.73
N PRO B 41 -9.55 15.37 39.23
CA PRO B 41 -8.33 14.89 39.95
C PRO B 41 -8.69 13.96 41.18
N GLY B 42 -7.91 12.92 41.41
CA GLY B 42 -8.23 11.95 42.47
C GLY B 42 -9.19 10.88 41.94
N LYS B 43 -9.89 11.17 40.84
CA LYS B 43 -10.92 10.26 40.33
C LYS B 43 -10.51 9.45 39.14
N GLU B 44 -11.34 8.51 38.80
CA GLU B 44 -11.11 7.69 37.64
C GLU B 44 -11.63 8.35 36.36
N ARG B 45 -11.04 7.93 35.23
CA ARG B 45 -11.38 8.51 33.99
C ARG B 45 -12.71 7.86 33.57
N GLU B 46 -13.57 8.69 33.01
CA GLU B 46 -14.88 8.27 32.60
C GLU B 46 -15.02 8.60 31.13
N TRP B 47 -15.44 7.59 30.36
CA TRP B 47 -15.86 7.78 28.94
C TRP B 47 -17.20 8.57 28.77
N VAL B 48 -17.28 9.50 27.83
CA VAL B 48 -18.35 10.47 27.74
C VAL B 48 -19.09 10.20 26.41
N ALA B 49 -18.34 10.20 25.30
CA ALA B 49 -18.98 10.23 23.96
C ALA B 49 -18.02 9.70 22.89
N ARG B 50 -18.56 9.19 21.81
CA ARG B 50 -17.74 8.70 20.69
C ARG B 50 -18.46 9.03 19.37
N ILE B 51 -17.72 9.42 18.34
CA ILE B 51 -18.28 9.57 17.01
C ILE B 51 -17.30 8.87 16.03
N ASN B 52 -17.83 8.35 14.94
CA ASN B 52 -17.03 7.56 14.04
C ASN B 52 -16.36 8.52 13.02
N SER B 53 -15.51 7.97 12.19
CA SER B 53 -14.81 8.73 11.22
C SER B 53 -15.74 9.32 10.17
N GLY B 54 -16.86 8.66 9.86
CA GLY B 54 -17.78 9.16 8.83
C GLY B 54 -18.63 10.32 9.42
N ARG B 55 -18.64 10.46 10.62
CA ARG B 55 -19.38 11.48 11.35
C ARG B 55 -20.88 11.26 11.24
N ASP B 56 -21.31 10.18 11.18
CA ASP B 56 -22.76 9.88 11.09
C ASP B 56 -23.36 8.97 12.24
N ILE B 57 -22.54 8.58 13.20
CA ILE B 57 -22.93 7.60 14.20
C ILE B 57 -22.23 8.07 15.45
N THR B 58 -23.05 8.32 16.47
CA THR B 58 -22.59 8.79 17.73
C THR B 58 -23.04 7.79 18.83
N TYR B 59 -22.26 7.70 19.95
CA TYR B 59 -22.52 6.94 21.17
C TYR B 59 -22.25 7.85 22.37
N TYR B 60 -23.08 7.84 23.42
CA TYR B 60 -22.92 8.69 24.61
C TYR B 60 -23.05 7.88 25.88
N ALA B 61 -22.36 8.26 26.94
CA ALA B 61 -22.56 7.59 28.24
C ALA B 61 -24.04 7.83 28.63
N ASP B 62 -24.61 6.92 29.41
CA ASP B 62 -25.96 7.06 29.90
C ASP B 62 -26.04 8.34 30.70
N SER B 63 -24.99 8.71 31.43
CA SER B 63 -25.07 9.86 32.29
C SER B 63 -25.12 11.22 31.57
N VAL B 64 -24.90 11.25 30.24
CA VAL B 64 -24.87 12.50 29.47
C VAL B 64 -25.88 12.53 28.30
N LYS B 65 -26.34 11.37 27.88
CA LYS B 65 -27.29 11.20 26.82
C LYS B 65 -28.47 12.14 26.91
N GLY B 66 -28.81 12.79 25.80
CA GLY B 66 -29.80 13.88 25.77
C GLY B 66 -29.38 15.28 26.24
N ARG B 67 -28.18 15.38 26.81
CA ARG B 67 -27.60 16.64 27.26
C ARG B 67 -26.33 17.07 26.44
N PHE B 68 -25.48 16.11 26.10
CA PHE B 68 -24.22 16.34 25.38
C PHE B 68 -24.48 15.72 24.01
N THR B 69 -24.27 16.53 22.95
CA THR B 69 -24.33 16.05 21.56
C THR B 69 -23.12 16.55 20.79
N PHE B 70 -22.64 15.74 19.84
CA PHE B 70 -21.59 16.16 18.88
C PHE B 70 -22.12 17.20 17.90
N SER B 71 -21.27 18.11 17.43
CA SER B 71 -21.65 19.02 16.33
C SER B 71 -20.37 19.22 15.56
N GLN B 72 -20.43 19.94 14.43
CA GLN B 72 -19.77 19.34 13.23
C GLN B 72 -20.28 19.57 11.83
N ASP B 73 -19.35 19.79 10.87
CA ASP B 73 -19.64 19.94 9.41
C ASP B 73 -18.55 19.29 8.49
N ASN B 74 -18.85 19.15 7.18
CA ASN B 74 -17.77 18.93 6.19
C ASN B 74 -17.57 19.97 5.05
N ALA B 75 -16.35 20.54 5.06
CA ALA B 75 -15.33 20.10 6.04
C ALA B 75 -15.20 21.02 7.26
N LYS B 76 -14.93 20.46 8.46
CA LYS B 76 -13.97 21.21 9.29
C LYS B 76 -12.72 20.49 9.65
N ASN B 77 -12.84 19.24 9.97
CA ASN B 77 -11.96 18.69 11.02
C ASN B 77 -12.42 19.14 12.38
N THR B 78 -12.78 20.41 12.56
CA THR B 78 -13.29 20.71 13.95
C THR B 78 -14.61 20.05 14.30
N VAL B 79 -14.57 19.29 15.37
CA VAL B 79 -15.68 18.58 16.01
C VAL B 79 -15.98 19.21 17.35
N TYR B 80 -17.22 19.63 17.54
CA TYR B 80 -17.74 20.25 18.81
C TYR B 80 -18.50 19.20 19.64
N LEU B 81 -18.23 19.16 20.94
CA LEU B 81 -19.09 18.54 21.99
C LEU B 81 -19.96 19.64 22.68
N GLN B 82 -21.24 19.65 22.31
CA GLN B 82 -22.13 20.62 22.79
C GLN B 82 -22.61 20.09 24.16
N MET B 83 -22.32 20.84 25.22
CA MET B 83 -22.70 20.33 26.55
C MET B 83 -23.73 21.21 27.15
N ASP B 84 -24.99 20.77 27.07
CA ASP B 84 -26.14 21.51 27.60
C ASP B 84 -26.58 21.03 28.99
N SER B 85 -27.43 21.82 29.63
CA SER B 85 -28.02 21.45 30.95
C SER B 85 -26.95 20.99 31.89
N LEU B 86 -25.86 21.74 32.02
CA LEU B 86 -24.70 21.24 32.78
C LEU B 86 -25.02 21.06 34.28
N GLU B 87 -24.38 20.09 34.94
CA GLU B 87 -24.63 19.79 36.34
C GLU B 87 -23.30 19.89 37.06
N PRO B 88 -23.30 20.17 38.37
CA PRO B 88 -21.99 20.06 39.14
C PRO B 88 -21.26 18.69 38.96
N GLU B 89 -21.99 17.64 38.66
CA GLU B 89 -21.42 16.30 38.50
C GLU B 89 -20.54 16.21 37.21
N ASP B 90 -20.70 17.21 36.34
CA ASP B 90 -19.93 17.34 35.06
C ASP B 90 -18.59 18.05 35.18
N THR B 91 -18.27 18.51 36.37
CA THR B 91 -16.98 19.12 36.67
C THR B 91 -15.81 18.14 36.50
N ALA B 92 -14.85 18.48 35.66
CA ALA B 92 -13.77 17.50 35.34
C ALA B 92 -12.92 18.17 34.26
N THR B 93 -11.74 17.61 34.00
CA THR B 93 -11.00 17.89 32.75
C THR B 93 -11.45 16.97 31.66
N TYR B 94 -11.78 17.57 30.52
CA TYR B 94 -12.27 16.85 29.39
C TYR B 94 -11.16 16.61 28.35
N TYR B 95 -11.10 15.37 27.90
CA TYR B 95 -10.03 14.93 27.03
C TYR B 95 -10.60 14.32 25.74
N CYS B 96 -10.01 14.77 24.62
CA CYS B 96 -10.34 14.42 23.21
C CYS B 96 -9.40 13.22 22.94
N ALA B 97 -9.81 12.14 22.29
CA ALA B 97 -8.85 11.14 21.82
C ALA B 97 -9.25 10.72 20.40
N THR B 98 -8.27 10.38 19.56
CA THR B 98 -8.53 10.10 18.12
C THR B 98 -7.73 8.81 17.74
N ASP B 99 -8.24 8.06 16.78
CA ASP B 99 -7.35 7.15 16.08
C ASP B 99 -7.73 7.08 14.58
N ILE B 100 -6.97 6.26 13.84
CA ILE B 100 -7.25 5.95 12.43
C ILE B 100 -8.48 5.08 12.32
N PRO B 101 -9.25 5.27 11.22
CA PRO B 101 -10.44 4.40 11.12
C PRO B 101 -10.22 2.89 11.38
N LEU B 102 -9.14 2.29 10.90
CA LEU B 102 -8.92 0.84 11.04
C LEU B 102 -8.82 0.35 12.50
N ARG B 103 -8.13 1.11 13.32
CA ARG B 103 -8.00 0.91 14.72
C ARG B 103 -9.30 1.22 15.44
N CYS B 104 -10.00 2.28 15.02
CA CYS B 104 -11.26 2.65 15.60
C CYS B 104 -12.28 1.54 15.51
N ARG B 105 -12.29 0.80 14.38
CA ARG B 105 -13.15 -0.38 14.18
C ARG B 105 -13.13 -1.30 15.37
N ASP B 106 -11.97 -1.43 16.02
CA ASP B 106 -11.77 -2.40 17.12
C ASP B 106 -11.78 -1.79 18.50
N ILE B 107 -11.97 -0.48 18.60
CA ILE B 107 -12.16 0.17 19.91
C ILE B 107 -13.62 0.19 20.28
N VAL B 108 -14.03 -0.73 21.16
CA VAL B 108 -15.43 -0.79 21.55
C VAL B 108 -16.00 0.65 21.71
N ALA B 109 -17.20 0.88 21.19
CA ALA B 109 -17.68 2.27 21.12
C ALA B 109 -17.89 2.86 22.52
N LYS B 110 -18.58 2.16 23.41
CA LYS B 110 -18.93 2.73 24.68
C LYS B 110 -17.89 2.33 25.75
N GLY B 111 -16.89 3.18 25.98
CA GLY B 111 -15.88 2.91 27.02
C GLY B 111 -14.52 2.63 26.38
N GLY B 112 -14.53 2.16 25.12
CA GLY B 112 -13.24 1.77 24.52
C GLY B 112 -12.25 2.91 24.58
N ASP B 113 -11.01 2.62 25.00
CA ASP B 113 -10.04 3.68 25.32
C ASP B 113 -8.63 3.53 24.71
N GLY B 114 -8.47 2.57 23.81
CA GLY B 114 -7.16 2.33 23.12
C GLY B 114 -6.73 3.30 22.00
N PHE B 115 -7.14 4.56 22.12
CA PHE B 115 -6.70 5.60 21.22
C PHE B 115 -5.23 5.89 21.36
N ARG B 116 -4.56 5.94 20.19
CA ARG B 116 -3.19 6.33 20.06
C ARG B 116 -2.96 7.75 20.47
N TYR B 117 -3.89 8.65 20.16
CA TYR B 117 -3.60 10.08 20.38
C TYR B 117 -4.54 10.68 21.38
N TRP B 118 -4.04 11.52 22.28
CA TRP B 118 -4.86 12.02 23.37
C TRP B 118 -4.57 13.48 23.39
N GLY B 119 -5.59 14.32 23.53
CA GLY B 119 -5.35 15.79 23.61
C GLY B 119 -4.92 16.24 25.02
N GLN B 120 -4.70 17.55 25.20
CA GLN B 120 -4.35 18.14 26.49
C GLN B 120 -5.74 18.56 26.92
N GLY B 121 -6.23 18.00 27.97
CA GLY B 121 -7.61 18.32 28.33
C GLY B 121 -8.04 19.79 28.40
N THR B 122 -9.29 19.97 28.67
CA THR B 122 -9.75 21.32 28.94
C THR B 122 -10.60 21.24 30.21
N GLN B 123 -10.41 22.19 31.09
CA GLN B 123 -11.07 22.19 32.41
C GLN B 123 -12.52 22.71 32.37
N VAL B 124 -13.46 21.89 32.81
CA VAL B 124 -14.84 22.26 32.98
C VAL B 124 -15.16 22.38 34.49
N THR B 125 -15.67 23.55 34.91
CA THR B 125 -16.19 23.66 36.29
C THR B 125 -17.63 24.14 36.37
N VAL B 126 -18.52 23.33 36.90
CA VAL B 126 -19.95 23.67 37.08
C VAL B 126 -20.29 23.86 38.57
N SER B 127 -20.76 25.03 38.94
CA SER B 127 -20.97 25.26 40.37
C SER B 127 -22.41 24.96 40.73
N SER B 128 -22.63 24.25 41.84
CA SER B 128 -23.98 24.12 42.38
C SER B 128 -24.30 25.42 43.05
N GLN C 1 -11.35 9.25 -29.97
CA GLN C 1 -10.41 9.51 -28.84
C GLN C 1 -8.98 8.97 -29.03
N VAL C 2 -8.74 7.66 -29.20
CA VAL C 2 -7.39 7.23 -29.66
C VAL C 2 -7.15 7.67 -31.12
N GLN C 3 -6.11 8.48 -31.34
CA GLN C 3 -5.70 8.93 -32.66
C GLN C 3 -4.26 8.65 -32.85
N LEU C 4 -3.95 8.11 -34.02
CA LEU C 4 -2.56 7.82 -34.37
C LEU C 4 -2.14 8.85 -35.35
N GLN C 5 -0.90 9.32 -35.23
CA GLN C 5 -0.24 10.22 -36.23
C GLN C 5 1.03 9.50 -36.69
N GLU C 6 1.18 9.22 -37.99
CA GLU C 6 2.40 8.62 -38.56
C GLU C 6 2.94 9.42 -39.77
N SER C 7 4.27 9.48 -39.87
CA SER C 7 4.97 10.35 -40.85
C SER C 7 6.33 9.73 -41.19
N GLY C 8 6.98 10.22 -42.26
CA GLY C 8 8.44 9.99 -42.50
C GLY C 8 8.89 9.11 -43.63
N GLY C 9 8.02 8.55 -44.41
CA GLY C 9 8.61 7.70 -45.47
C GLY C 9 9.24 8.60 -46.58
N GLY C 10 9.42 8.10 -47.79
CA GLY C 10 9.89 8.88 -48.87
C GLY C 10 10.53 7.89 -49.79
N SER C 11 11.54 8.38 -50.50
CA SER C 11 12.19 7.68 -51.57
C SER C 11 13.68 7.81 -51.45
N VAL C 12 14.38 6.70 -51.44
CA VAL C 12 15.84 6.75 -51.45
C VAL C 12 16.41 5.70 -52.40
N GLN C 13 17.71 5.75 -52.61
CA GLN C 13 18.40 4.72 -53.32
C GLN C 13 18.83 3.62 -52.36
N ALA C 14 18.87 2.37 -52.86
CA ALA C 14 19.44 1.25 -52.12
C ALA C 14 20.66 1.60 -51.22
N GLY C 15 20.67 1.13 -50.00
CA GLY C 15 21.69 1.55 -49.08
C GLY C 15 21.47 2.92 -48.41
N GLY C 16 20.41 3.63 -48.77
CA GLY C 16 20.06 4.80 -47.99
C GLY C 16 19.33 4.54 -46.68
N SER C 17 18.86 5.65 -46.14
CA SER C 17 18.21 5.76 -44.83
C SER C 17 16.92 6.55 -44.90
N LEU C 18 15.93 6.11 -44.16
CA LEU C 18 14.76 6.92 -43.80
C LEU C 18 14.39 6.64 -42.34
N ARG C 19 13.52 7.50 -41.84
CA ARG C 19 12.99 7.40 -40.48
C ARG C 19 11.49 7.53 -40.48
N LEU C 20 10.77 6.54 -39.96
CA LEU C 20 9.34 6.67 -39.69
C LEU C 20 9.05 7.19 -38.25
N SER C 21 7.99 7.99 -38.09
CA SER C 21 7.47 8.34 -36.77
C SER C 21 6.03 7.84 -36.57
N CYS C 22 5.69 7.50 -35.35
CA CYS C 22 4.37 7.13 -35.00
C CYS C 22 4.12 7.70 -33.61
N ALA C 23 2.95 8.32 -33.39
CA ALA C 23 2.49 8.66 -32.05
C ALA C 23 1.01 8.40 -31.97
N ALA C 24 0.53 8.06 -30.76
CA ALA C 24 -0.88 7.96 -30.50
C ALA C 24 -1.24 8.87 -29.37
N SER C 25 -2.31 9.67 -29.53
CA SER C 25 -3.01 10.36 -28.43
C SER C 25 -4.19 9.55 -27.89
N GLY C 26 -4.73 9.91 -26.76
CA GLY C 26 -5.90 9.25 -26.24
C GLY C 26 -5.60 8.09 -25.26
N TYR C 27 -4.37 7.63 -25.13
CA TYR C 27 -4.16 6.55 -24.17
C TYR C 27 -4.01 7.01 -22.75
N THR C 28 -4.44 6.20 -21.79
CA THR C 28 -4.15 6.64 -20.41
C THR C 28 -2.64 6.66 -20.15
N ASP C 29 -2.20 7.78 -19.60
CA ASP C 29 -0.82 8.29 -19.51
C ASP C 29 0.10 7.98 -20.62
N SER C 30 -0.45 8.14 -21.82
CA SER C 30 0.21 7.79 -23.06
C SER C 30 0.93 6.44 -22.98
N ARG C 31 0.30 5.43 -22.41
CA ARG C 31 1.00 4.08 -22.36
C ARG C 31 0.38 3.18 -23.39
N TYR C 32 1.16 2.70 -24.34
CA TYR C 32 0.64 1.83 -25.41
C TYR C 32 1.77 1.12 -26.03
N CYS C 33 1.56 -0.13 -26.38
CA CYS C 33 2.58 -0.79 -27.21
C CYS C 33 2.45 -0.34 -28.66
N MET C 34 3.48 -0.66 -29.47
CA MET C 34 3.57 -0.18 -30.87
C MET C 34 4.22 -1.17 -31.79
N ALA C 35 3.58 -1.42 -32.93
CA ALA C 35 4.15 -2.26 -33.97
C ALA C 35 4.11 -1.57 -35.35
N TRP C 36 5.05 -1.96 -36.19
CA TRP C 36 5.06 -1.56 -37.59
C TRP C 36 4.81 -2.75 -38.45
N PHE C 37 3.97 -2.54 -39.46
CA PHE C 37 3.73 -3.54 -40.53
C PHE C 37 3.99 -2.90 -41.87
N ARG C 38 4.09 -3.75 -42.88
CA ARG C 38 4.24 -3.19 -44.18
C ARG C 38 3.50 -4.00 -45.20
N GLN C 39 3.11 -3.30 -46.25
CA GLN C 39 2.37 -3.86 -47.29
C GLN C 39 2.66 -3.31 -48.69
N ALA C 40 3.11 -4.18 -49.58
CA ALA C 40 3.34 -3.84 -51.01
C ALA C 40 2.09 -4.02 -51.83
N PRO C 41 2.07 -3.41 -53.03
CA PRO C 41 0.89 -3.44 -53.93
C PRO C 41 0.38 -4.87 -54.30
N GLY C 42 -0.90 -5.16 -54.11
CA GLY C 42 -1.39 -6.53 -54.39
C GLY C 42 -0.82 -7.66 -53.53
N LYS C 43 -0.06 -7.32 -52.50
CA LYS C 43 0.54 -8.31 -51.63
C LYS C 43 0.03 -8.40 -50.21
N GLU C 44 0.54 -9.41 -49.51
CA GLU C 44 0.32 -9.62 -48.12
C GLU C 44 0.99 -8.62 -47.19
N ARG C 45 0.28 -8.28 -46.13
CA ARG C 45 0.79 -7.52 -45.05
C ARG C 45 1.83 -8.30 -44.24
N GLU C 46 2.94 -7.64 -43.91
CA GLU C 46 4.00 -8.35 -43.23
C GLU C 46 4.43 -7.56 -42.00
N TRP C 47 4.66 -8.31 -40.92
CA TRP C 47 5.12 -7.74 -39.65
C TRP C 47 6.58 -7.30 -39.77
N VAL C 48 6.89 -6.08 -39.33
CA VAL C 48 8.20 -5.50 -39.34
C VAL C 48 8.93 -5.41 -37.96
N ALA C 49 8.25 -4.81 -36.97
CA ALA C 49 8.90 -4.47 -35.69
C ALA C 49 7.86 -4.27 -34.59
N ARG C 50 8.28 -4.38 -33.32
CA ARG C 50 7.36 -4.21 -32.17
C ARG C 50 8.19 -3.59 -31.03
N ILE C 51 7.65 -2.58 -30.34
CA ILE C 51 8.23 -2.09 -29.08
C ILE C 51 7.06 -2.19 -27.97
N ASN C 52 7.44 -2.43 -26.73
CA ASN C 52 6.48 -2.62 -25.65
C ASN C 52 6.09 -1.24 -25.12
N SER C 53 5.15 -1.21 -24.22
CA SER C 53 4.70 0.03 -23.65
C SER C 53 5.82 0.64 -22.78
N GLY C 54 6.72 -0.18 -22.23
CA GLY C 54 7.78 0.32 -21.31
C GLY C 54 8.87 0.98 -22.18
N ARG C 55 8.80 0.79 -23.49
CA ARG C 55 9.83 1.31 -24.46
C ARG C 55 11.25 0.80 -24.22
N ASP C 56 11.38 -0.37 -23.58
CA ASP C 56 12.69 -0.96 -23.25
C ASP C 56 12.83 -2.39 -23.84
N ILE C 57 11.84 -2.87 -24.60
CA ILE C 57 12.00 -4.19 -25.22
C ILE C 57 11.56 -4.06 -26.66
N THR C 58 12.44 -4.46 -27.57
CA THR C 58 12.13 -4.50 -28.98
C THR C 58 12.28 -5.86 -29.62
N TYR C 59 11.46 -6.05 -30.65
CA TYR C 59 11.43 -7.21 -31.53
C TYR C 59 11.41 -6.72 -32.98
N TYR C 60 12.23 -7.36 -33.83
CA TYR C 60 12.35 -7.10 -35.28
C TYR C 60 12.19 -8.34 -36.13
N ALA C 61 11.56 -8.19 -37.31
CA ALA C 61 11.59 -9.26 -38.33
C ALA C 61 13.07 -9.62 -38.70
N ASP C 62 13.31 -10.93 -38.91
CA ASP C 62 14.61 -11.38 -39.38
C ASP C 62 15.17 -10.60 -40.56
N SER C 63 14.36 -10.27 -41.52
CA SER C 63 14.93 -9.58 -42.64
C SER C 63 15.27 -8.09 -42.38
N VAL C 64 14.89 -7.51 -41.23
CA VAL C 64 15.19 -6.12 -40.97
C VAL C 64 16.12 -5.96 -39.76
N LYS C 65 16.22 -7.02 -38.97
CA LYS C 65 17.03 -6.99 -37.75
C LYS C 65 18.43 -6.42 -38.03
N GLY C 66 18.88 -5.50 -37.16
CA GLY C 66 20.18 -4.90 -37.36
C GLY C 66 20.20 -3.72 -38.33
N ARG C 67 19.19 -3.56 -39.17
CA ARG C 67 19.07 -2.41 -40.06
C ARG C 67 18.01 -1.35 -39.56
N PHE C 68 16.96 -1.81 -38.88
CA PHE C 68 15.82 -1.02 -38.51
C PHE C 68 15.87 -1.02 -37.02
N THR C 69 15.83 0.15 -36.41
CA THR C 69 15.96 0.20 -34.96
C THR C 69 15.02 1.29 -34.44
N PHE C 70 14.25 0.96 -33.41
CA PHE C 70 13.46 1.92 -32.68
C PHE C 70 14.26 2.99 -31.92
N SER C 71 13.76 4.22 -31.93
CA SER C 71 14.31 5.32 -31.06
C SER C 71 13.21 6.09 -30.44
N GLN C 72 13.43 6.50 -29.21
CA GLN C 72 12.46 7.29 -28.41
C GLN C 72 13.30 8.07 -27.37
N ASP C 73 12.94 7.98 -26.09
CA ASP C 73 13.24 8.99 -25.03
C ASP C 73 11.83 9.28 -24.51
N ASN C 74 11.65 9.61 -23.22
CA ASN C 74 10.34 10.15 -22.79
C ASN C 74 10.50 11.68 -22.50
N ALA C 75 9.80 12.56 -23.23
CA ALA C 75 8.77 12.26 -24.25
C ALA C 75 9.29 11.72 -25.67
N LYS C 76 8.60 11.98 -26.80
CA LYS C 76 7.57 13.02 -26.92
C LYS C 76 6.26 12.39 -26.52
N ASN C 77 6.26 11.11 -26.73
CA ASN C 77 5.11 10.40 -27.17
C ASN C 77 5.44 9.89 -28.56
N THR C 78 6.18 10.67 -29.34
CA THR C 78 6.75 10.14 -30.63
C THR C 78 7.93 9.12 -30.59
N VAL C 79 7.71 8.06 -31.32
CA VAL C 79 8.62 6.98 -31.47
C VAL C 79 9.03 6.87 -32.95
N TYR C 80 10.33 6.76 -33.12
CA TYR C 80 10.93 6.71 -34.42
C TYR C 80 11.42 5.27 -34.72
N LEU C 81 11.34 4.88 -35.99
CA LEU C 81 12.01 3.67 -36.47
C LEU C 81 12.97 4.12 -37.54
N GLN C 82 14.25 4.06 -37.21
CA GLN C 82 15.36 4.35 -38.06
C GLN C 82 15.53 3.17 -39.02
N MET C 83 15.51 3.46 -40.31
CA MET C 83 15.61 2.46 -41.36
C MET C 83 16.83 2.75 -42.16
N ASP C 84 17.89 2.03 -41.84
CA ASP C 84 19.13 2.23 -42.58
C ASP C 84 19.42 1.00 -43.48
N SER C 85 20.43 1.18 -44.29
CA SER C 85 20.99 0.21 -45.17
C SER C 85 19.81 -0.48 -46.00
N LEU C 86 19.02 0.40 -46.59
CA LEU C 86 17.72 0.05 -47.22
C LEU C 86 17.88 -0.76 -48.49
N GLU C 87 16.89 -1.64 -48.72
CA GLU C 87 16.80 -2.51 -49.89
C GLU C 87 15.57 -2.22 -50.73
N PRO C 88 15.66 -2.40 -52.08
CA PRO C 88 14.41 -2.41 -52.87
C PRO C 88 13.29 -3.33 -52.29
N GLU C 89 13.62 -4.49 -51.69
CA GLU C 89 12.68 -5.33 -50.97
C GLU C 89 11.91 -4.72 -49.74
N ASP C 90 12.50 -3.72 -49.10
CA ASP C 90 11.82 -2.82 -48.10
C ASP C 90 10.75 -1.91 -48.68
N THR C 91 10.69 -1.73 -49.99
CA THR C 91 9.62 -0.89 -50.68
C THR C 91 8.17 -1.32 -50.34
N ALA C 92 7.31 -0.38 -49.87
CA ALA C 92 6.01 -0.75 -49.29
C ALA C 92 5.34 0.44 -48.64
N THR C 93 4.04 0.32 -48.39
CA THR C 93 3.37 1.22 -47.46
C THR C 93 3.54 0.60 -46.10
N TYR C 94 3.93 1.43 -45.15
CA TYR C 94 4.17 1.03 -43.77
C TYR C 94 3.03 1.62 -42.88
N TYR C 95 2.56 0.77 -41.96
CA TYR C 95 1.45 1.06 -41.04
C TYR C 95 1.87 0.85 -39.60
N CYS C 96 1.61 1.88 -38.78
CA CYS C 96 1.85 1.87 -37.36
C CYS C 96 0.60 1.25 -36.72
N ALA C 97 0.75 0.38 -35.74
CA ALA C 97 -0.42 -0.13 -35.00
C ALA C 97 -0.21 -0.02 -33.54
N THR C 98 -1.26 0.26 -32.77
CA THR C 98 -1.06 0.42 -31.28
C THR C 98 -2.21 -0.27 -30.49
N ASP C 99 -1.90 -0.64 -29.25
CA ASP C 99 -2.95 -0.98 -28.31
C ASP C 99 -2.58 -0.73 -26.84
N ILE C 100 -3.53 -1.03 -25.94
CA ILE C 100 -3.35 -0.87 -24.50
C ILE C 100 -2.45 -1.93 -24.04
N PRO C 101 -1.60 -1.61 -23.02
CA PRO C 101 -0.73 -2.61 -22.48
C PRO C 101 -1.46 -3.96 -22.18
N LEU C 102 -2.64 -3.94 -21.58
CA LEU C 102 -3.27 -5.23 -21.26
C LEU C 102 -3.50 -6.18 -22.48
N ARG C 103 -3.98 -5.61 -23.56
CA ARG C 103 -4.09 -6.32 -24.83
C ARG C 103 -2.80 -6.68 -25.49
N CYS C 104 -1.88 -5.71 -25.47
CA CYS C 104 -0.52 -5.94 -26.02
C CYS C 104 0.14 -7.22 -25.44
N ARG C 105 -0.07 -7.49 -24.15
CA ARG C 105 0.53 -8.66 -23.45
C ARG C 105 0.27 -10.02 -24.15
N ASP C 106 -0.92 -10.14 -24.75
CA ASP C 106 -1.38 -11.34 -25.45
C ASP C 106 -1.29 -11.26 -26.98
N ILE C 107 -0.71 -10.17 -27.48
CA ILE C 107 -0.36 -10.01 -28.92
C ILE C 107 1.07 -10.46 -29.08
N VAL C 108 1.22 -11.65 -29.70
CA VAL C 108 2.51 -12.26 -29.78
C VAL C 108 3.45 -11.28 -30.45
N ALA C 109 4.66 -11.20 -29.89
CA ALA C 109 5.56 -10.11 -30.26
C ALA C 109 5.90 -10.12 -31.80
N LYS C 110 6.31 -11.27 -32.32
CA LYS C 110 6.75 -11.27 -33.71
C LYS C 110 5.59 -11.69 -34.58
N GLY C 111 4.84 -10.74 -35.17
CA GLY C 111 3.74 -11.08 -36.14
C GLY C 111 2.36 -10.90 -35.59
N GLY C 112 2.17 -10.85 -34.28
CA GLY C 112 0.84 -10.69 -33.75
C GLY C 112 0.32 -9.39 -34.28
N ASP C 113 -0.91 -9.37 -34.77
CA ASP C 113 -1.45 -8.23 -35.47
C ASP C 113 -2.79 -7.78 -34.92
N GLY C 114 -3.20 -8.33 -33.78
CA GLY C 114 -4.57 -8.02 -33.32
C GLY C 114 -4.73 -6.66 -32.65
N PHE C 115 -3.87 -5.70 -32.96
CA PHE C 115 -4.01 -4.34 -32.46
C PHE C 115 -5.38 -3.73 -32.76
N ARG C 116 -5.95 -2.99 -31.79
CA ARG C 116 -7.18 -2.25 -32.03
C ARG C 116 -7.00 -1.05 -32.97
N TYR C 117 -5.79 -0.52 -33.07
CA TYR C 117 -5.58 0.82 -33.60
C TYR C 117 -4.49 0.83 -34.66
N TRP C 118 -4.76 1.52 -35.76
CA TRP C 118 -3.88 1.47 -36.93
C TRP C 118 -3.74 2.85 -37.58
N GLY C 119 -2.75 2.97 -38.45
CA GLY C 119 -2.57 4.19 -39.23
C GLY C 119 -3.09 4.05 -40.64
N GLN C 120 -3.52 5.16 -41.23
CA GLN C 120 -3.30 5.42 -42.65
C GLN C 120 -1.82 5.44 -42.98
N GLY C 121 -1.46 4.82 -44.10
CA GLY C 121 -0.08 4.43 -44.36
C GLY C 121 1.01 5.45 -44.62
N THR C 122 2.25 5.00 -44.60
CA THR C 122 3.29 5.88 -45.15
C THR C 122 4.27 5.19 -46.11
N GLN C 123 4.44 5.84 -47.23
CA GLN C 123 5.07 5.22 -48.40
C GLN C 123 6.59 5.28 -48.25
N VAL C 124 7.18 4.11 -48.43
CA VAL C 124 8.58 3.94 -48.53
C VAL C 124 8.92 3.28 -49.90
N THR C 125 9.86 3.84 -50.59
CA THR C 125 10.25 3.38 -51.90
C THR C 125 11.77 3.43 -51.90
N VAL C 126 12.37 2.27 -52.15
CA VAL C 126 13.78 2.15 -52.33
C VAL C 126 14.10 1.68 -53.77
N SER C 127 14.96 2.44 -54.46
CA SER C 127 15.26 2.28 -55.90
C SER C 127 16.47 1.45 -56.20
N SER C 128 16.72 1.13 -57.49
CA SER C 128 18.11 0.70 -58.01
C SER C 128 18.65 1.51 -59.18
N MET D 1 -0.36 8.97 8.47
CA MET D 1 0.44 8.34 7.32
C MET D 1 1.25 7.07 7.59
N ILE D 2 2.01 6.98 8.69
CA ILE D 2 2.56 5.69 9.15
C ILE D 2 2.20 5.34 10.62
N GLN D 3 1.49 4.25 10.83
CA GLN D 3 1.18 3.89 12.22
C GLN D 3 1.47 2.40 12.52
N VAL D 4 1.93 2.09 13.70
CA VAL D 4 2.37 0.78 14.10
C VAL D 4 1.55 0.28 15.29
N TYR D 5 0.89 -0.86 15.12
CA TYR D 5 0.15 -1.41 16.21
C TYR D 5 0.12 -2.93 16.10
N SER D 6 -0.27 -3.61 17.19
CA SER D 6 -0.51 -5.05 17.10
C SER D 6 -1.94 -5.31 16.76
N ARG D 7 -2.19 -6.39 16.02
CA ARG D 7 -3.52 -6.80 15.60
C ARG D 7 -4.53 -7.03 16.72
N HIS D 8 -4.07 -7.61 17.84
CA HIS D 8 -4.93 -7.82 19.02
C HIS D 8 -4.19 -7.18 20.21
N PRO D 9 -4.85 -6.99 21.38
CA PRO D 9 -3.98 -6.34 22.38
C PRO D 9 -2.81 -7.25 22.75
N ALA D 10 -1.64 -6.69 23.01
CA ALA D 10 -0.43 -7.50 23.18
C ALA D 10 -0.50 -8.51 24.33
N GLU D 11 -0.24 -9.78 24.03
CA GLU D 11 -0.22 -10.81 25.04
C GLU D 11 0.84 -10.56 26.10
N ASN D 12 2.10 -10.51 25.68
CA ASN D 12 3.22 -10.63 26.59
C ASN D 12 3.86 -12.00 26.57
N GLY D 13 3.30 -12.90 25.77
CA GLY D 13 3.94 -14.16 25.48
C GLY D 13 3.07 -15.06 24.61
N LYS D 14 2.11 -14.46 23.92
CA LYS D 14 0.96 -15.21 23.43
C LYS D 14 1.12 -15.56 21.95
N SER D 15 0.87 -14.58 21.08
CA SER D 15 1.04 -14.78 19.65
C SER D 15 0.01 -13.98 18.86
N ASN D 16 0.49 -13.15 17.94
CA ASN D 16 -0.19 -11.93 17.60
C ASN D 16 0.37 -11.52 16.23
N PHE D 17 -0.02 -10.35 15.72
CA PHE D 17 0.51 -9.84 14.47
C PHE D 17 0.92 -8.37 14.68
N LEU D 18 2.10 -8.01 14.22
CA LEU D 18 2.49 -6.62 14.22
C LEU D 18 2.11 -5.95 12.86
N ASN D 19 1.49 -4.77 12.88
CA ASN D 19 1.10 -4.04 11.66
C ASN D 19 1.79 -2.72 11.55
N CYS D 20 2.22 -2.38 10.34
CA CYS D 20 2.63 -1.03 9.97
C CYS D 20 1.67 -0.61 8.91
N TYR D 21 0.80 0.31 9.33
CA TYR D 21 -0.18 0.99 8.50
C TYR D 21 0.44 2.16 7.75
N VAL D 22 0.25 2.17 6.46
CA VAL D 22 0.88 3.18 5.61
C VAL D 22 -0.25 3.72 4.77
N SER D 23 -0.53 5.00 4.87
CA SER D 23 -1.56 5.61 4.07
C SER D 23 -1.06 6.73 3.20
N GLY D 24 -1.70 6.83 2.04
CA GLY D 24 -1.29 7.70 0.95
C GLY D 24 -0.25 7.13 -0.01
N PHE D 25 0.11 5.85 0.07
CA PHE D 25 1.17 5.36 -0.83
C PHE D 25 0.81 4.10 -1.59
N HIS D 26 1.25 4.07 -2.84
CA HIS D 26 1.24 2.83 -3.59
C HIS D 26 2.41 1.97 -3.20
N PRO D 27 2.14 0.65 -3.00
CA PRO D 27 3.17 -0.30 -2.61
C PRO D 27 4.49 -0.33 -3.45
N SER D 28 4.44 -0.01 -4.75
CA SER D 28 5.69 0.01 -5.59
C SER D 28 6.56 1.24 -5.26
N ASP D 29 5.89 2.21 -4.67
CA ASP D 29 6.38 3.50 -4.38
C ASP D 29 7.39 3.35 -3.25
N ILE D 30 7.30 2.25 -2.49
CA ILE D 30 7.94 2.22 -1.17
C ILE D 30 8.52 0.88 -0.77
N GLU D 31 9.51 0.93 0.09
CA GLU D 31 9.99 -0.28 0.69
C GLU D 31 9.72 -0.24 2.19
N VAL D 32 9.11 -1.32 2.70
CA VAL D 32 8.72 -1.36 4.13
C VAL D 32 9.39 -2.51 4.88
N ASP D 33 10.24 -2.19 5.88
CA ASP D 33 10.85 -3.22 6.74
C ASP D 33 10.15 -3.16 8.09
N LEU D 34 9.88 -4.32 8.69
CA LEU D 34 9.45 -4.39 10.06
C LEU D 34 10.67 -4.80 10.77
N LEU D 35 10.90 -4.26 11.97
CA LEU D 35 12.18 -4.48 12.67
C LEU D 35 11.95 -5.04 14.04
N LYS D 36 12.72 -6.05 14.42
CA LYS D 36 12.76 -6.49 15.79
C LYS D 36 14.09 -6.01 16.43
N ASN D 37 14.01 -5.33 17.58
CA ASN D 37 15.23 -4.77 18.24
C ASN D 37 16.15 -4.07 17.20
N GLY D 38 15.52 -3.34 16.28
CA GLY D 38 16.20 -2.61 15.26
C GLY D 38 16.70 -3.33 14.04
N GLU D 39 16.41 -4.65 13.94
CA GLU D 39 16.99 -5.57 12.95
C GLU D 39 15.85 -6.14 12.09
N ARG D 40 16.13 -6.25 10.81
CA ARG D 40 15.13 -6.66 9.81
C ARG D 40 14.47 -8.02 10.14
N ILE D 41 13.15 -8.02 10.29
CA ILE D 41 12.33 -9.29 10.37
C ILE D 41 12.20 -9.82 8.94
N GLU D 42 12.41 -11.12 8.77
CA GLU D 42 12.48 -11.79 7.41
C GLU D 42 11.15 -11.87 6.70
N LYS D 43 10.16 -12.47 7.35
CA LYS D 43 8.92 -12.61 6.64
C LYS D 43 8.03 -11.35 6.80
N VAL D 44 7.87 -10.59 5.73
CA VAL D 44 6.93 -9.49 5.77
C VAL D 44 5.86 -9.56 4.68
N GLU D 45 4.60 -9.67 5.08
CA GLU D 45 3.52 -9.63 4.09
C GLU D 45 2.79 -8.28 4.13
N HIS D 46 1.94 -8.02 3.14
CA HIS D 46 1.01 -6.88 3.18
C HIS D 46 -0.33 -7.10 2.46
N SER D 47 -1.37 -6.44 2.98
CA SER D 47 -2.67 -6.42 2.37
C SER D 47 -2.61 -5.84 0.96
N ASP D 48 -3.71 -6.00 0.25
CA ASP D 48 -3.92 -5.26 -0.96
C ASP D 48 -4.29 -3.83 -0.65
N LEU D 49 -3.96 -2.97 -1.59
CA LEU D 49 -4.29 -1.61 -1.42
C LEU D 49 -5.79 -1.44 -1.23
N SER D 50 -6.17 -0.64 -0.23
CA SER D 50 -7.61 -0.43 0.04
C SER D 50 -7.95 1.03 -0.15
N PHE D 51 -9.23 1.31 -0.28
CA PHE D 51 -9.65 2.66 -0.55
C PHE D 51 -10.69 3.17 0.44
N SER D 52 -10.41 4.34 1.02
CA SER D 52 -11.41 5.02 1.82
C SER D 52 -12.61 5.46 0.97
N LYS D 53 -13.68 5.86 1.63
CA LYS D 53 -14.85 6.50 0.97
C LYS D 53 -14.44 7.66 0.03
N ASP D 54 -13.38 8.36 0.44
CA ASP D 54 -12.80 9.50 -0.24
C ASP D 54 -11.73 9.11 -1.28
N TRP D 55 -11.54 7.82 -1.46
CA TRP D 55 -10.55 7.31 -2.38
C TRP D 55 -9.10 7.68 -2.12
N SER D 56 -8.75 7.83 -0.86
CA SER D 56 -7.37 7.81 -0.48
C SER D 56 -7.19 6.38 -0.03
N PHE D 57 -5.93 5.99 0.16
CA PHE D 57 -5.57 4.58 0.23
C PHE D 57 -4.57 4.32 1.35
N TYR D 58 -4.67 3.13 1.95
CA TYR D 58 -3.70 2.70 2.95
C TYR D 58 -3.15 1.32 2.62
N LEU D 59 -2.21 0.85 3.43
CA LEU D 59 -1.77 -0.54 3.38
C LEU D 59 -1.53 -1.11 4.77
N LEU D 60 -1.63 -2.42 4.90
CA LEU D 60 -1.18 -3.11 6.09
C LEU D 60 0.01 -4.03 5.79
N TYR D 61 1.15 -3.73 6.41
CA TYR D 61 2.31 -4.55 6.29
C TYR D 61 2.35 -5.22 7.64
N TYR D 62 2.48 -6.56 7.62
CA TYR D 62 2.31 -7.27 8.85
C TYR D 62 3.22 -8.47 8.92
N THR D 63 3.44 -8.90 10.15
CA THR D 63 4.21 -10.08 10.41
C THR D 63 3.72 -10.73 11.68
N GLU D 64 3.77 -12.07 11.69
CA GLU D 64 3.37 -12.88 12.85
C GLU D 64 4.37 -12.57 13.94
N PHE D 65 3.93 -12.36 15.17
CA PHE D 65 4.92 -12.28 16.23
C PHE D 65 4.36 -12.70 17.57
N THR D 66 5.25 -12.86 18.54
CA THR D 66 4.81 -13.20 19.89
C THR D 66 5.45 -12.17 20.80
N PRO D 67 4.65 -11.18 21.28
CA PRO D 67 5.33 -10.12 22.05
C PRO D 67 5.87 -10.74 23.34
N THR D 68 7.01 -10.23 23.81
CA THR D 68 7.60 -10.62 25.09
C THR D 68 7.57 -9.33 25.85
N GLU D 69 8.02 -9.37 27.10
CA GLU D 69 8.09 -8.19 27.94
C GLU D 69 9.00 -7.09 27.35
N LYS D 70 10.16 -7.44 26.80
CA LYS D 70 11.17 -6.42 26.48
C LYS D 70 11.70 -6.29 25.03
N ASP D 71 11.22 -7.13 24.12
CA ASP D 71 11.54 -6.95 22.69
C ASP D 71 10.87 -5.72 22.14
N GLU D 72 11.63 -4.90 21.39
CA GLU D 72 11.13 -3.66 20.82
C GLU D 72 10.93 -3.84 19.31
N TYR D 73 9.82 -3.24 18.81
CA TYR D 73 9.45 -3.30 17.41
C TYR D 73 9.25 -1.91 16.76
N ALA D 74 9.54 -1.85 15.45
CA ALA D 74 9.41 -0.63 14.65
C ALA D 74 9.11 -0.99 13.15
N CYS D 75 8.66 0.00 12.42
CA CYS D 75 8.45 -0.05 10.94
C CYS D 75 9.38 1.01 10.31
N ARG D 76 10.07 0.69 9.20
CA ARG D 76 10.93 1.57 8.43
C ARG D 76 10.35 1.62 7.03
N VAL D 77 9.91 2.83 6.65
CA VAL D 77 9.40 3.08 5.33
C VAL D 77 10.36 4.03 4.55
N ASN D 78 10.76 3.58 3.36
CA ASN D 78 11.57 4.41 2.39
C ASN D 78 10.85 4.55 1.06
N HIS D 79 10.99 5.70 0.39
CA HIS D 79 10.52 5.83 -0.98
C HIS D 79 11.50 5.06 -1.89
N VAL D 80 10.98 4.46 -2.94
CA VAL D 80 11.76 3.67 -3.84
C VAL D 80 11.97 4.40 -5.15
N THR D 81 13.21 4.44 -5.64
CA THR D 81 13.50 4.92 -7.03
C THR D 81 14.14 3.82 -7.90
N LEU D 82 13.61 3.61 -9.11
CA LEU D 82 14.13 2.56 -10.00
C LEU D 82 15.09 3.13 -11.06
N SER D 83 16.22 2.46 -11.24
CA SER D 83 17.26 2.86 -12.19
C SER D 83 18.07 1.66 -12.67
N GLN D 84 18.80 1.84 -13.79
CA GLN D 84 19.75 0.86 -14.29
C GLN D 84 19.11 -0.52 -14.61
N PRO D 85 18.03 -0.54 -15.35
CA PRO D 85 17.31 -1.76 -15.65
C PRO D 85 18.05 -2.67 -16.62
N LYS D 86 17.82 -3.95 -16.48
CA LYS D 86 18.51 -4.95 -17.25
C LYS D 86 17.43 -5.93 -17.64
N ILE D 87 17.40 -6.22 -18.92
CA ILE D 87 16.44 -7.14 -19.47
C ILE D 87 17.13 -8.40 -19.94
N VAL D 88 16.64 -9.54 -19.46
CA VAL D 88 17.07 -10.79 -20.09
C VAL D 88 15.89 -11.48 -20.72
N LYS D 89 15.96 -11.80 -22.03
CA LYS D 89 14.88 -12.45 -22.72
C LYS D 89 14.91 -13.96 -22.30
N TRP D 90 13.78 -14.67 -22.25
CA TRP D 90 13.85 -16.18 -22.25
C TRP D 90 14.20 -16.68 -23.66
N ASP D 91 15.29 -17.42 -23.74
CA ASP D 91 15.72 -18.05 -24.96
C ASP D 91 15.41 -19.55 -24.87
N ARG D 92 14.40 -20.01 -25.58
CA ARG D 92 14.00 -21.41 -25.58
C ARG D 92 14.60 -22.26 -26.72
N MET E 1 24.50 -14.52 -12.87
CA MET E 1 23.67 -13.63 -11.99
C MET E 1 22.26 -13.29 -12.33
N ILE E 2 21.90 -13.04 -13.59
CA ILE E 2 20.48 -13.07 -14.06
C ILE E 2 20.30 -14.20 -15.09
N GLN E 3 19.39 -15.13 -14.81
CA GLN E 3 19.02 -16.20 -15.74
C GLN E 3 17.51 -16.27 -15.78
N VAL E 4 17.01 -16.51 -16.99
CA VAL E 4 15.61 -16.79 -17.30
C VAL E 4 15.54 -18.20 -17.92
N TYR E 5 14.75 -19.06 -17.28
CA TYR E 5 14.68 -20.42 -17.63
C TYR E 5 13.31 -20.96 -17.25
N SER E 6 12.96 -22.08 -17.83
CA SER E 6 11.79 -22.80 -17.39
C SER E 6 12.13 -23.94 -16.50
N ARG E 7 11.18 -24.32 -15.64
CA ARG E 7 11.35 -25.43 -14.76
C ARG E 7 11.62 -26.74 -15.47
N HIS E 8 10.92 -26.97 -16.60
CA HIS E 8 11.16 -28.06 -17.53
C HIS E 8 11.44 -27.64 -18.97
N PRO E 9 12.01 -28.56 -19.78
CA PRO E 9 12.24 -28.22 -21.18
C PRO E 9 10.89 -27.80 -21.78
N ALA E 10 10.90 -26.75 -22.54
CA ALA E 10 9.65 -26.18 -23.02
C ALA E 10 9.00 -27.09 -24.07
N GLU E 11 7.72 -27.40 -23.88
CA GLU E 11 6.86 -28.06 -24.89
C GLU E 11 5.63 -27.14 -25.06
N ASN E 12 5.43 -26.65 -26.30
CA ASN E 12 4.23 -25.88 -26.64
C ASN E 12 2.94 -26.57 -26.22
N GLY E 13 2.09 -25.84 -25.53
CA GLY E 13 0.85 -26.42 -25.09
C GLY E 13 0.86 -26.91 -23.67
N LYS E 14 2.06 -27.04 -23.06
CA LYS E 14 2.19 -27.78 -21.80
C LYS E 14 2.47 -26.84 -20.67
N SER E 15 1.72 -27.01 -19.61
CA SER E 15 1.91 -26.23 -18.43
C SER E 15 3.37 -26.30 -17.87
N ASN E 16 3.91 -25.15 -17.47
CA ASN E 16 5.27 -25.06 -17.03
C ASN E 16 5.46 -23.90 -16.05
N PHE E 17 6.70 -23.61 -15.67
CA PHE E 17 6.96 -22.44 -14.83
C PHE E 17 8.07 -21.67 -15.45
N LEU E 18 7.85 -20.38 -15.52
CA LEU E 18 8.89 -19.43 -15.91
C LEU E 18 9.57 -18.88 -14.65
N ASN E 19 10.90 -18.81 -14.68
CA ASN E 19 11.76 -18.37 -13.56
C ASN E 19 12.68 -17.25 -14.03
N CYS E 20 12.83 -16.26 -13.17
CA CYS E 20 13.86 -15.25 -13.28
C CYS E 20 14.72 -15.39 -12.03
N TYR E 21 15.95 -15.85 -12.19
CA TYR E 21 16.83 -16.16 -11.08
C TYR E 21 17.75 -14.98 -10.99
N VAL E 22 17.96 -14.46 -9.78
CA VAL E 22 18.80 -13.29 -9.59
C VAL E 22 19.66 -13.53 -8.39
N SER E 23 20.95 -13.53 -8.63
CA SER E 23 21.89 -13.62 -7.53
C SER E 23 22.77 -12.40 -7.39
N GLY E 24 23.30 -12.26 -6.17
CA GLY E 24 24.30 -11.23 -5.95
C GLY E 24 23.75 -9.97 -5.32
N PHE E 25 22.42 -9.81 -5.29
CA PHE E 25 21.77 -8.59 -4.76
C PHE E 25 20.82 -8.86 -3.62
N HIS E 26 20.78 -7.93 -2.67
CA HIS E 26 19.80 -7.92 -1.58
C HIS E 26 18.42 -7.63 -2.16
N PRO E 27 17.35 -8.31 -1.65
CA PRO E 27 16.06 -8.21 -2.32
C PRO E 27 15.52 -6.81 -2.32
N SER E 28 15.85 -6.02 -1.29
CA SER E 28 15.41 -4.60 -1.20
C SER E 28 16.15 -3.64 -2.15
N ASP E 29 17.24 -4.16 -2.72
CA ASP E 29 18.04 -3.53 -3.73
C ASP E 29 17.58 -3.68 -5.18
N ILE E 30 16.63 -4.58 -5.43
CA ILE E 30 16.17 -4.79 -6.81
C ILE E 30 14.67 -4.88 -6.88
N GLU E 31 14.11 -4.62 -8.06
CA GLU E 31 12.69 -4.85 -8.31
C GLU E 31 12.64 -5.61 -9.66
N VAL E 32 11.82 -6.64 -9.73
CA VAL E 32 11.88 -7.54 -10.86
C VAL E 32 10.47 -7.61 -11.42
N ASP E 33 10.35 -7.45 -12.74
CA ASP E 33 9.15 -7.85 -13.48
C ASP E 33 9.43 -8.98 -14.44
N LEU E 34 8.43 -9.82 -14.63
CA LEU E 34 8.39 -10.80 -15.68
C LEU E 34 7.42 -10.25 -16.73
N LEU E 35 7.78 -10.44 -18.01
CA LEU E 35 7.08 -9.80 -19.14
C LEU E 35 6.71 -10.87 -20.13
N LYS E 36 5.51 -10.75 -20.66
CA LYS E 36 5.01 -11.61 -21.70
C LYS E 36 4.79 -10.66 -22.89
N ASN E 37 5.46 -10.93 -24.01
CA ASN E 37 5.41 -9.95 -25.15
C ASN E 37 5.72 -8.48 -24.79
N GLY E 38 6.64 -8.32 -23.83
CA GLY E 38 7.12 -7.02 -23.34
C GLY E 38 6.29 -6.36 -22.28
N GLU E 39 5.20 -7.01 -21.88
CA GLU E 39 4.23 -6.38 -20.95
C GLU E 39 4.16 -7.19 -19.64
N ARG E 40 3.99 -6.43 -18.58
CA ARG E 40 4.16 -6.95 -17.18
C ARG E 40 3.10 -7.98 -16.83
N ILE E 41 3.54 -9.18 -16.38
CA ILE E 41 2.70 -10.26 -15.95
C ILE E 41 2.26 -9.95 -14.48
N GLU E 42 1.00 -10.15 -14.15
CA GLU E 42 0.57 -9.78 -12.80
C GLU E 42 0.69 -10.93 -11.76
N LYS E 43 0.68 -12.14 -12.27
CA LYS E 43 1.03 -13.33 -11.51
C LYS E 43 2.00 -13.22 -10.33
N VAL E 44 3.12 -12.55 -10.45
CA VAL E 44 4.42 -13.12 -10.00
C VAL E 44 4.66 -13.57 -8.53
N GLU E 45 5.09 -14.79 -8.38
CA GLU E 45 5.50 -15.30 -7.07
C GLU E 45 6.99 -15.02 -6.92
N HIS E 46 7.44 -14.92 -5.68
CA HIS E 46 8.85 -14.82 -5.40
C HIS E 46 9.22 -15.68 -4.19
N SER E 47 10.50 -16.04 -4.11
CA SER E 47 10.99 -16.76 -2.96
C SER E 47 12.41 -16.30 -2.79
N ASP E 48 12.78 -16.10 -1.54
CA ASP E 48 14.11 -15.61 -1.23
C ASP E 48 14.84 -16.83 -0.78
N LEU E 49 15.90 -17.18 -1.49
CA LEU E 49 16.67 -18.42 -1.19
C LEU E 49 18.01 -18.10 -0.49
N SER E 50 18.16 -16.89 0.03
CA SER E 50 19.43 -16.40 0.60
C SER E 50 19.67 -16.95 1.96
N PHE E 51 20.94 -17.18 2.27
CA PHE E 51 21.39 -17.35 3.59
C PHE E 51 22.07 -16.02 4.09
N SER E 52 21.27 -15.23 4.80
CA SER E 52 21.65 -13.92 5.29
C SER E 52 22.69 -14.10 6.36
N LYS E 53 23.95 -13.93 6.00
CA LYS E 53 24.97 -14.02 7.03
C LYS E 53 25.99 -14.95 6.50
N ASP E 54 25.96 -15.05 5.18
CA ASP E 54 27.01 -15.70 4.42
C ASP E 54 27.27 -14.90 3.17
N TRP E 55 26.53 -13.80 2.99
CA TRP E 55 26.51 -13.03 1.73
C TRP E 55 26.08 -13.90 0.54
N SER E 56 25.11 -14.76 0.79
CA SER E 56 24.66 -15.69 -0.22
C SER E 56 23.29 -15.19 -0.53
N PHE E 57 23.19 -14.30 -1.55
CA PHE E 57 21.91 -13.79 -2.07
C PHE E 57 21.40 -14.37 -3.37
N TYR E 58 20.19 -14.88 -3.34
CA TYR E 58 19.63 -15.75 -4.40
C TYR E 58 18.16 -15.58 -4.25
N LEU E 59 17.59 -14.90 -5.27
CA LEU E 59 16.19 -14.58 -5.41
C LEU E 59 15.59 -15.23 -6.65
N LEU E 60 14.41 -15.80 -6.48
CA LEU E 60 13.71 -16.43 -7.57
C LEU E 60 12.41 -15.73 -7.69
N TYR E 61 12.13 -15.21 -8.90
CA TYR E 61 10.79 -14.75 -9.31
C TYR E 61 10.26 -15.75 -10.33
N TYR E 62 9.00 -16.18 -10.16
CA TYR E 62 8.46 -17.29 -10.97
C TYR E 62 6.97 -17.21 -11.22
N THR E 63 6.56 -17.78 -12.32
CA THR E 63 5.17 -17.80 -12.57
C THR E 63 4.81 -19.03 -13.38
N GLU E 64 3.63 -19.57 -13.15
CA GLU E 64 3.14 -20.67 -14.01
C GLU E 64 2.76 -20.08 -15.37
N PHE E 65 3.09 -20.78 -16.45
CA PHE E 65 2.69 -20.38 -17.81
C PHE E 65 2.65 -21.60 -18.69
N THR E 66 2.01 -21.45 -19.86
CA THR E 66 2.00 -22.42 -20.94
C THR E 66 2.66 -21.77 -22.15
N PRO E 67 3.89 -22.21 -22.46
CA PRO E 67 4.55 -21.64 -23.60
C PRO E 67 3.87 -22.05 -24.89
N THR E 68 3.91 -21.15 -25.87
CA THR E 68 3.30 -21.32 -27.16
C THR E 68 4.46 -21.01 -28.06
N GLU E 69 4.31 -21.25 -29.35
CA GLU E 69 5.36 -21.02 -30.33
C GLU E 69 5.82 -19.57 -30.32
N LYS E 70 4.87 -18.65 -30.23
CA LYS E 70 5.20 -17.26 -30.51
C LYS E 70 5.24 -16.26 -29.37
N ASP E 71 4.70 -16.58 -28.20
CA ASP E 71 4.69 -15.67 -27.04
C ASP E 71 6.12 -15.51 -26.56
N GLU E 72 6.57 -14.29 -26.35
CA GLU E 72 7.94 -14.09 -25.91
C GLU E 72 7.92 -13.72 -24.46
N TYR E 73 8.95 -14.13 -23.74
CA TYR E 73 9.07 -13.89 -22.30
C TYR E 73 10.43 -13.32 -21.99
N ALA E 74 10.45 -12.60 -20.87
CA ALA E 74 11.60 -11.79 -20.48
C ALA E 74 11.54 -11.51 -18.98
N CYS E 75 12.66 -11.09 -18.39
CA CYS E 75 12.75 -10.66 -17.01
C CYS E 75 13.32 -9.25 -17.07
N ARG E 76 12.77 -8.35 -16.28
CA ARG E 76 13.32 -7.01 -16.17
C ARG E 76 13.78 -6.79 -14.72
N VAL E 77 15.07 -6.52 -14.52
CA VAL E 77 15.60 -6.24 -13.16
C VAL E 77 15.97 -4.76 -13.05
N ASN E 78 15.29 -4.02 -12.16
CA ASN E 78 15.66 -2.64 -11.79
C ASN E 78 16.49 -2.55 -10.51
N HIS E 79 17.50 -1.67 -10.45
CA HIS E 79 18.15 -1.30 -9.17
C HIS E 79 17.25 -0.40 -8.31
N VAL E 80 17.08 -0.73 -7.05
CA VAL E 80 16.34 0.20 -6.18
C VAL E 80 17.24 1.22 -5.43
N THR E 81 16.94 2.54 -5.52
CA THR E 81 17.52 3.53 -4.57
C THR E 81 16.46 3.91 -3.53
N LEU E 82 16.83 3.82 -2.26
CA LEU E 82 15.96 4.17 -1.15
C LEU E 82 16.10 5.67 -0.70
N SER E 83 15.01 6.42 -0.54
CA SER E 83 15.10 7.76 0.01
C SER E 83 13.97 8.10 0.93
N GLN E 84 14.21 9.19 1.66
CA GLN E 84 13.32 9.80 2.61
C GLN E 84 12.78 8.81 3.65
N PRO E 85 13.68 8.15 4.40
CA PRO E 85 13.33 7.11 5.38
C PRO E 85 12.53 7.68 6.55
N LYS E 86 11.53 6.95 7.02
CA LYS E 86 10.75 7.33 8.17
C LYS E 86 10.64 6.08 9.02
N ILE E 87 10.84 6.24 10.30
CA ILE E 87 10.84 5.11 11.19
C ILE E 87 9.83 5.43 12.22
N VAL E 88 8.97 4.43 12.52
CA VAL E 88 7.92 4.56 13.56
C VAL E 88 8.02 3.38 14.45
N LYS E 89 8.28 3.63 15.72
CA LYS E 89 8.33 2.63 16.73
C LYS E 89 6.93 2.20 17.22
N TRP E 90 6.83 0.98 17.70
CA TRP E 90 5.61 0.45 18.22
C TRP E 90 5.58 0.86 19.63
N ASP E 91 4.61 1.71 19.94
CA ASP E 91 4.32 2.03 21.34
C ASP E 91 2.93 1.55 21.71
N MET F 1 -38.58 -1.79 6.51
CA MET F 1 -37.73 -1.44 5.34
C MET F 1 -36.22 -1.48 5.54
N ILE F 2 -35.63 -0.91 6.60
CA ILE F 2 -34.27 -1.31 6.97
C ILE F 2 -34.22 -1.98 8.35
N GLN F 3 -33.73 -3.22 8.39
CA GLN F 3 -33.62 -3.95 9.64
C GLN F 3 -32.23 -4.51 9.85
N VAL F 4 -31.73 -4.49 11.08
CA VAL F 4 -30.41 -5.02 11.42
C VAL F 4 -30.65 -6.02 12.53
N TYR F 5 -30.09 -7.22 12.30
CA TYR F 5 -30.41 -8.33 13.14
C TYR F 5 -29.33 -9.45 12.97
N SER F 6 -29.18 -10.29 13.97
CA SER F 6 -28.27 -11.42 13.81
C SER F 6 -29.06 -12.65 13.38
N ARG F 7 -28.37 -13.56 12.72
CA ARG F 7 -28.96 -14.75 12.25
C ARG F 7 -29.54 -15.59 13.37
N HIS F 8 -28.77 -15.70 14.50
CA HIS F 8 -29.09 -16.52 15.66
C HIS F 8 -29.00 -15.59 16.81
N PRO F 9 -29.67 -15.92 17.94
CA PRO F 9 -29.52 -14.91 18.99
C PRO F 9 -28.03 -14.75 19.39
N ALA F 10 -27.66 -13.54 19.76
CA ALA F 10 -26.28 -13.23 20.02
C ALA F 10 -25.82 -13.85 21.32
N GLU F 11 -24.81 -14.70 21.24
CA GLU F 11 -24.07 -15.17 22.45
C GLU F 11 -22.59 -14.77 22.33
N ASN F 12 -22.07 -14.12 23.36
CA ASN F 12 -20.75 -13.43 23.28
C ASN F 12 -19.66 -14.42 22.97
N GLY F 13 -18.84 -14.19 21.94
CA GLY F 13 -17.74 -15.16 21.64
C GLY F 13 -18.15 -16.31 20.72
N LYS F 14 -19.44 -16.34 20.38
CA LYS F 14 -19.99 -17.32 19.46
C LYS F 14 -20.31 -16.73 18.09
N SER F 15 -19.65 -17.29 17.07
CA SER F 15 -19.78 -17.03 15.63
C SER F 15 -21.22 -16.98 15.14
N ASN F 16 -21.55 -15.98 14.35
CA ASN F 16 -22.95 -15.65 14.07
C ASN F 16 -22.88 -14.96 12.74
N PHE F 17 -23.98 -14.41 12.24
CA PHE F 17 -23.94 -13.53 11.05
C PHE F 17 -24.77 -12.30 11.38
N LEU F 18 -24.34 -11.12 10.89
CA LEU F 18 -24.95 -9.81 11.05
C LEU F 18 -25.56 -9.46 9.74
N ASN F 19 -26.83 -9.11 9.76
CA ASN F 19 -27.70 -8.89 8.53
C ASN F 19 -28.27 -7.49 8.56
N CYS F 20 -28.13 -6.77 7.44
CA CYS F 20 -28.87 -5.57 7.15
C CYS F 20 -29.83 -5.93 6.02
N TYR F 21 -31.12 -5.97 6.35
CA TYR F 21 -32.15 -6.35 5.47
C TYR F 21 -32.69 -5.00 4.96
N VAL F 22 -32.84 -4.86 3.66
CA VAL F 22 -33.28 -3.61 3.07
C VAL F 22 -34.34 -3.94 2.06
N SER F 23 -35.55 -3.37 2.27
CA SER F 23 -36.61 -3.63 1.38
C SER F 23 -37.11 -2.37 0.71
N GLY F 24 -37.65 -2.52 -0.48
CA GLY F 24 -38.25 -1.40 -1.19
C GLY F 24 -37.33 -0.72 -2.19
N PHE F 25 -36.14 -1.29 -2.41
CA PHE F 25 -35.10 -0.68 -3.30
C PHE F 25 -34.43 -1.68 -4.21
N HIS F 26 -34.10 -1.21 -5.42
CA HIS F 26 -33.34 -1.99 -6.39
C HIS F 26 -31.87 -1.93 -5.91
N PRO F 27 -31.11 -3.03 -6.02
CA PRO F 27 -29.73 -3.01 -5.46
C PRO F 27 -28.77 -1.92 -6.01
N SER F 28 -28.88 -1.60 -7.30
CA SER F 28 -28.00 -0.62 -7.94
C SER F 28 -28.34 0.84 -7.56
N ASP F 29 -29.46 1.05 -6.84
CA ASP F 29 -29.86 2.39 -6.36
C ASP F 29 -29.40 2.66 -4.93
N ILE F 30 -28.81 1.64 -4.28
CA ILE F 30 -28.28 1.96 -2.94
C ILE F 30 -26.92 1.38 -2.77
N GLU F 31 -26.23 1.89 -1.76
CA GLU F 31 -24.98 1.36 -1.40
C GLU F 31 -25.01 1.15 0.07
N VAL F 32 -24.62 -0.07 0.46
CA VAL F 32 -24.81 -0.51 1.82
C VAL F 32 -23.47 -0.90 2.56
N ASP F 33 -23.25 -0.23 3.70
CA ASP F 33 -22.06 -0.54 4.56
C ASP F 33 -22.59 -1.14 5.81
N LEU F 34 -21.88 -2.17 6.32
CA LEU F 34 -22.06 -2.68 7.66
C LEU F 34 -20.94 -2.09 8.51
N LEU F 35 -21.25 -1.74 9.76
CA LEU F 35 -20.29 -0.95 10.55
C LEU F 35 -20.00 -1.69 11.80
N LYS F 36 -18.76 -1.61 12.23
CA LYS F 36 -18.40 -2.06 13.55
C LYS F 36 -17.85 -0.88 14.36
N ASN F 37 -18.29 -0.72 15.60
CA ASN F 37 -17.85 0.51 16.27
C ASN F 37 -17.81 1.71 15.30
N GLY F 38 -18.79 1.76 14.40
CA GLY F 38 -19.06 2.99 13.64
C GLY F 38 -18.22 3.03 12.35
N GLU F 39 -17.35 2.03 12.22
CA GLU F 39 -16.38 1.85 11.04
C GLU F 39 -16.67 0.66 10.09
N ARG F 40 -16.32 0.81 8.82
CA ARG F 40 -16.85 -0.06 7.75
C ARG F 40 -16.19 -1.45 7.78
N ILE F 41 -17.02 -2.47 7.89
CA ILE F 41 -16.51 -3.82 7.82
C ILE F 41 -16.17 -4.10 6.33
N GLU F 42 -15.01 -4.69 6.07
CA GLU F 42 -14.51 -4.84 4.70
C GLU F 42 -15.21 -5.86 3.83
N LYS F 43 -15.50 -7.02 4.38
CA LYS F 43 -16.01 -8.07 3.51
C LYS F 43 -17.50 -8.25 3.79
N VAL F 44 -18.34 -7.46 3.10
CA VAL F 44 -19.80 -7.61 3.12
C VAL F 44 -20.36 -8.56 1.98
N GLU F 45 -21.18 -9.56 2.28
CA GLU F 45 -21.91 -10.33 1.22
C GLU F 45 -23.30 -9.78 1.04
N HIS F 46 -23.86 -9.94 -0.16
CA HIS F 46 -25.26 -9.56 -0.41
C HIS F 46 -26.00 -10.64 -1.20
N SER F 47 -27.28 -10.89 -0.85
CA SER F 47 -28.24 -11.54 -1.71
C SER F 47 -29.39 -10.63 -2.15
N ASP F 48 -29.96 -11.01 -3.27
CA ASP F 48 -31.09 -10.32 -3.80
C ASP F 48 -32.24 -11.32 -3.74
N LEU F 49 -33.23 -11.00 -2.92
CA LEU F 49 -34.28 -11.98 -2.72
C LEU F 49 -35.53 -11.55 -3.45
N SER F 50 -35.36 -10.75 -4.49
CA SER F 50 -36.42 -10.05 -5.17
C SER F 50 -36.92 -10.85 -6.31
N PHE F 51 -38.07 -10.44 -6.82
CA PHE F 51 -38.51 -10.92 -8.11
C PHE F 51 -38.76 -9.89 -9.18
N SER F 52 -39.13 -8.67 -8.82
CA SER F 52 -39.75 -7.71 -9.77
C SER F 52 -41.27 -7.98 -9.87
N LYS F 53 -41.81 -8.63 -8.84
CA LYS F 53 -43.26 -8.85 -8.72
C LYS F 53 -43.82 -7.85 -7.70
N ASP F 54 -43.09 -7.64 -6.59
CA ASP F 54 -43.09 -6.33 -5.87
C ASP F 54 -42.95 -6.10 -4.33
N TRP F 55 -43.40 -4.93 -3.85
CA TRP F 55 -43.02 -4.30 -2.53
C TRP F 55 -41.54 -3.75 -2.47
N SER F 56 -40.72 -4.05 -3.48
CA SER F 56 -40.94 -5.10 -4.52
C SER F 56 -39.79 -6.07 -4.26
N PHE F 57 -38.88 -5.44 -3.52
CA PHE F 57 -37.51 -5.70 -3.57
C PHE F 57 -37.05 -5.98 -2.19
N TYR F 58 -36.28 -7.05 -2.07
CA TYR F 58 -35.75 -7.46 -0.80
C TYR F 58 -34.29 -7.83 -0.95
N LEU F 59 -33.44 -7.20 -0.16
CA LEU F 59 -32.01 -7.33 -0.28
C LEU F 59 -31.43 -7.59 1.10
N LEU F 60 -30.53 -8.57 1.18
CA LEU F 60 -29.77 -8.84 2.37
C LEU F 60 -28.25 -8.52 2.21
N TYR F 61 -27.67 -7.84 3.19
CA TYR F 61 -26.24 -7.59 3.26
C TYR F 61 -25.78 -8.16 4.54
N TYR F 62 -24.70 -8.92 4.50
CA TYR F 62 -24.46 -9.73 5.67
C TYR F 62 -22.97 -10.03 5.78
N THR F 63 -22.56 -10.52 6.95
CA THR F 63 -21.15 -10.84 7.23
C THR F 63 -21.11 -11.75 8.49
N GLU F 64 -20.26 -12.76 8.51
CA GLU F 64 -20.01 -13.54 9.68
C GLU F 64 -19.36 -12.64 10.71
N PHE F 65 -19.75 -12.78 11.97
CA PHE F 65 -19.15 -11.99 13.06
C PHE F 65 -19.23 -12.80 14.30
N THR F 66 -18.46 -12.41 15.30
CA THR F 66 -18.53 -13.03 16.60
C THR F 66 -18.97 -11.90 17.54
N PRO F 67 -20.22 -11.89 17.99
CA PRO F 67 -20.51 -10.75 18.87
C PRO F 67 -19.70 -10.77 20.19
N THR F 68 -19.57 -9.59 20.71
CA THR F 68 -18.79 -9.34 21.86
C THR F 68 -19.72 -8.49 22.71
N GLU F 69 -19.41 -8.42 23.97
CA GLU F 69 -20.21 -7.67 24.91
C GLU F 69 -20.37 -6.16 24.57
N LYS F 70 -19.30 -5.51 24.11
CA LYS F 70 -19.34 -4.06 23.93
C LYS F 70 -19.15 -3.58 22.49
N ASP F 71 -18.89 -4.50 21.54
CA ASP F 71 -18.73 -4.08 20.14
C ASP F 71 -20.10 -3.73 19.66
N GLU F 72 -20.18 -2.59 19.00
CA GLU F 72 -21.45 -2.01 18.56
C GLU F 72 -21.50 -2.17 17.05
N TYR F 73 -22.64 -2.54 16.50
CA TYR F 73 -22.78 -2.77 15.03
C TYR F 73 -23.98 -1.96 14.49
N ALA F 74 -24.01 -1.70 13.16
CA ALA F 74 -24.97 -0.83 12.53
C ALA F 74 -24.89 -1.08 11.02
N CYS F 75 -25.80 -0.45 10.28
CA CYS F 75 -25.91 -0.56 8.83
C CYS F 75 -26.08 0.90 8.33
N ARG F 76 -25.43 1.29 7.26
CA ARG F 76 -25.70 2.57 6.61
C ARG F 76 -26.10 2.20 5.22
N VAL F 77 -27.19 2.82 4.82
CA VAL F 77 -27.75 2.73 3.51
C VAL F 77 -27.72 4.17 2.90
N ASN F 78 -26.91 4.31 1.88
CA ASN F 78 -26.74 5.48 1.09
C ASN F 78 -27.63 5.42 -0.18
N HIS F 79 -28.15 6.58 -0.54
CA HIS F 79 -28.64 6.92 -1.85
C HIS F 79 -27.58 7.00 -2.98
N VAL F 80 -27.86 6.34 -4.10
CA VAL F 80 -26.96 6.40 -5.27
C VAL F 80 -27.52 7.22 -6.35
N THR F 81 -26.75 8.21 -6.80
CA THR F 81 -27.06 9.04 -8.01
C THR F 81 -25.94 8.83 -8.98
N LEU F 82 -26.33 8.53 -10.21
CA LEU F 82 -25.51 8.25 -11.40
C LEU F 82 -25.36 9.52 -12.23
N SER F 83 -24.14 9.75 -12.73
CA SER F 83 -23.92 10.88 -13.67
C SER F 83 -22.72 10.65 -14.59
N GLN F 84 -22.67 11.48 -15.63
CA GLN F 84 -21.66 11.49 -16.67
C GLN F 84 -21.59 10.11 -17.32
N PRO F 85 -22.72 9.63 -17.88
CA PRO F 85 -22.64 8.31 -18.47
C PRO F 85 -21.70 8.32 -19.67
N LYS F 86 -20.93 7.25 -19.82
CA LYS F 86 -20.29 6.94 -21.08
C LYS F 86 -20.67 5.52 -21.56
N ILE F 87 -20.89 5.39 -22.86
CA ILE F 87 -21.23 4.10 -23.44
C ILE F 87 -20.28 3.73 -24.58
N VAL F 88 -19.72 2.52 -24.50
CA VAL F 88 -18.81 2.04 -25.53
C VAL F 88 -19.27 0.69 -26.08
N LYS F 89 -19.48 0.64 -27.39
CA LYS F 89 -19.96 -0.58 -28.04
C LYS F 89 -18.82 -1.57 -28.28
N TRP F 90 -19.16 -2.80 -28.61
CA TRP F 90 -18.17 -3.80 -29.01
C TRP F 90 -18.02 -3.86 -30.52
N ASP F 91 -16.83 -3.55 -31.01
CA ASP F 91 -16.56 -3.53 -32.45
C ASP F 91 -16.07 -4.89 -32.92
N MET G 1 -9.40 5.08 -22.05
CA MET G 1 -10.14 4.98 -20.71
C MET G 1 -11.33 4.04 -20.57
N ILE G 2 -12.20 3.88 -21.57
CA ILE G 2 -13.06 2.70 -21.66
C ILE G 2 -12.80 1.91 -22.95
N GLN G 3 -12.52 0.61 -22.81
CA GLN G 3 -12.41 -0.26 -23.98
C GLN G 3 -13.13 -1.62 -23.84
N VAL G 4 -13.88 -2.04 -24.89
CA VAL G 4 -14.65 -3.30 -24.94
C VAL G 4 -14.14 -4.39 -25.92
N TYR G 5 -13.88 -5.60 -25.43
CA TYR G 5 -13.33 -6.59 -26.34
C TYR G 5 -13.59 -7.95 -25.75
N SER G 6 -13.45 -9.00 -26.56
CA SER G 6 -13.59 -10.35 -26.06
C SER G 6 -12.31 -11.06 -25.54
N ARG G 7 -12.44 -11.74 -24.41
CA ARG G 7 -11.36 -12.46 -23.75
C ARG G 7 -10.53 -13.31 -24.68
N HIS G 8 -11.23 -14.15 -25.45
CA HIS G 8 -10.61 -14.96 -26.51
C HIS G 8 -11.17 -14.41 -27.87
N PRO G 9 -10.44 -14.62 -28.99
CA PRO G 9 -10.80 -13.96 -30.28
C PRO G 9 -12.30 -13.76 -30.62
N GLY G 13 -19.08 -17.84 -32.11
CA GLY G 13 -20.37 -18.52 -31.88
C GLY G 13 -20.36 -19.63 -30.78
N LYS G 14 -19.32 -19.65 -29.94
CA LYS G 14 -19.34 -20.45 -28.69
C LYS G 14 -19.03 -19.58 -27.44
N SER G 15 -19.18 -20.15 -26.24
CA SER G 15 -19.10 -19.40 -24.98
C SER G 15 -17.72 -18.80 -24.67
N ASN G 16 -17.76 -17.53 -24.24
CA ASN G 16 -16.59 -16.63 -24.17
C ASN G 16 -16.77 -15.72 -22.93
N PHE G 17 -16.00 -14.64 -22.87
CA PHE G 17 -16.21 -13.57 -21.90
C PHE G 17 -16.11 -12.24 -22.66
N LEU G 18 -16.98 -11.29 -22.31
CA LEU G 18 -16.96 -9.94 -22.85
C LEU G 18 -16.41 -9.03 -21.75
N ASN G 19 -15.37 -8.25 -22.11
CA ASN G 19 -14.56 -7.38 -21.20
C ASN G 19 -14.86 -5.89 -21.43
N CYS G 20 -15.04 -5.16 -20.35
CA CYS G 20 -15.08 -3.70 -20.40
C CYS G 20 -13.94 -3.24 -19.47
N TYR G 21 -12.90 -2.72 -20.11
CA TYR G 21 -11.68 -2.24 -19.53
C TYR G 21 -11.89 -0.78 -19.15
N VAL G 22 -11.62 -0.44 -17.90
CA VAL G 22 -11.83 0.95 -17.53
C VAL G 22 -10.54 1.46 -16.99
N SER G 23 -10.00 2.56 -17.51
CA SER G 23 -8.71 3.04 -16.96
C SER G 23 -8.80 4.52 -16.64
N GLY G 24 -8.02 5.02 -15.68
CA GLY G 24 -8.53 6.23 -14.93
C GLY G 24 -9.70 6.38 -13.85
N PHE G 25 -10.72 5.44 -13.73
CA PHE G 25 -12.03 5.58 -12.84
C PHE G 25 -12.36 4.89 -11.42
N HIS G 26 -12.64 5.71 -10.44
CA HIS G 26 -12.53 5.15 -9.05
C HIS G 26 -13.75 4.29 -8.51
N PRO G 27 -13.68 2.93 -8.68
CA PRO G 27 -14.85 1.97 -8.95
C PRO G 27 -16.21 1.94 -8.18
N SER G 28 -16.37 2.57 -7.03
CA SER G 28 -17.76 2.65 -6.31
C SER G 28 -18.09 4.16 -6.23
N ASP G 29 -17.06 4.76 -6.80
CA ASP G 29 -16.99 5.93 -7.50
C ASP G 29 -17.74 5.65 -8.81
N ILE G 30 -17.84 4.40 -9.29
CA ILE G 30 -18.52 4.10 -10.58
C ILE G 30 -19.48 2.92 -10.61
N GLU G 31 -20.46 3.00 -11.50
CA GLU G 31 -21.33 1.88 -11.87
C GLU G 31 -21.18 1.38 -13.33
N VAL G 32 -20.94 0.08 -13.49
CA VAL G 32 -20.70 -0.43 -14.82
C VAL G 32 -21.73 -1.48 -15.26
N ASP G 33 -22.49 -1.21 -16.33
CA ASP G 33 -23.40 -2.18 -16.96
C ASP G 33 -22.84 -2.75 -18.28
N LEU G 34 -22.97 -4.04 -18.44
CA LEU G 34 -22.69 -4.69 -19.73
C LEU G 34 -24.04 -4.93 -20.39
N LEU G 35 -24.18 -4.50 -21.64
CA LEU G 35 -25.44 -4.60 -22.31
C LEU G 35 -25.46 -5.60 -23.44
N LYS G 36 -26.52 -6.40 -23.53
CA LYS G 36 -26.76 -7.24 -24.69
C LYS G 36 -27.97 -6.64 -25.46
N ASN G 37 -27.72 -6.25 -26.71
CA ASN G 37 -28.71 -5.48 -27.48
C ASN G 37 -29.33 -4.31 -26.72
N GLY G 38 -28.48 -3.52 -26.06
CA GLY G 38 -28.94 -2.34 -25.35
C GLY G 38 -29.56 -2.59 -23.97
N GLU G 39 -29.67 -3.85 -23.53
CA GLU G 39 -30.34 -4.13 -22.22
C GLU G 39 -29.38 -4.83 -21.22
N ARG G 40 -29.53 -4.59 -19.92
CA ARG G 40 -28.52 -5.03 -18.96
C ARG G 40 -28.37 -6.54 -18.86
N ILE G 41 -27.14 -7.00 -18.96
CA ILE G 41 -26.75 -8.35 -18.63
C ILE G 41 -26.74 -8.50 -17.09
N GLU G 42 -27.38 -9.54 -16.62
CA GLU G 42 -27.60 -9.75 -15.20
C GLU G 42 -26.32 -9.89 -14.37
N LYS G 43 -25.38 -10.72 -14.78
CA LYS G 43 -24.20 -10.97 -13.96
C LYS G 43 -22.95 -10.40 -14.61
N VAL G 44 -22.39 -9.40 -13.96
CA VAL G 44 -21.15 -8.79 -14.37
C VAL G 44 -20.11 -9.02 -13.26
N GLU G 45 -18.96 -9.54 -13.62
CA GLU G 45 -17.91 -9.61 -12.61
C GLU G 45 -16.92 -8.48 -12.87
N HIS G 46 -16.05 -8.24 -11.90
CA HIS G 46 -14.94 -7.34 -12.10
C HIS G 46 -13.71 -7.72 -11.33
N SER G 47 -12.56 -7.58 -11.98
CA SER G 47 -11.29 -7.68 -11.30
C SER G 47 -11.11 -6.60 -10.19
N ASP G 48 -10.22 -6.94 -9.27
CA ASP G 48 -9.51 -5.94 -8.48
C ASP G 48 -8.83 -4.87 -9.36
N LEU G 49 -8.69 -3.66 -8.78
CA LEU G 49 -7.82 -2.62 -9.34
C LEU G 49 -6.37 -3.04 -9.45
N SER G 50 -5.76 -2.75 -10.59
CA SER G 50 -4.40 -3.10 -10.81
C SER G 50 -3.66 -1.83 -11.21
N PHE G 51 -2.52 -1.59 -10.61
CA PHE G 51 -1.83 -0.31 -10.76
C PHE G 51 -0.59 -0.34 -11.64
N TRP G 55 1.60 5.83 -11.77
CA TRP G 55 0.54 5.19 -10.83
C TRP G 55 -0.87 5.03 -11.44
N SER G 56 -0.94 4.65 -12.71
CA SER G 56 -2.16 4.41 -13.47
C SER G 56 -2.90 3.21 -12.95
N PHE G 57 -4.23 3.20 -13.15
CA PHE G 57 -4.95 1.93 -12.89
C PHE G 57 -5.88 1.52 -14.03
N TYR G 58 -6.16 0.23 -14.13
CA TYR G 58 -7.31 -0.27 -14.87
C TYR G 58 -8.04 -1.27 -14.03
N LEU G 59 -9.28 -1.52 -14.42
CA LEU G 59 -10.01 -2.74 -14.06
C LEU G 59 -10.78 -3.34 -15.27
N LEU G 60 -11.30 -4.55 -15.10
CA LEU G 60 -12.07 -5.23 -16.14
C LEU G 60 -13.35 -5.64 -15.54
N TYR G 61 -14.42 -5.26 -16.19
CA TYR G 61 -15.71 -5.80 -15.87
C TYR G 61 -15.96 -6.84 -16.94
N TYR G 62 -16.39 -8.04 -16.56
CA TYR G 62 -16.57 -9.07 -17.61
C TYR G 62 -17.82 -9.90 -17.29
N THR G 63 -18.39 -10.50 -18.32
CA THR G 63 -19.48 -11.46 -18.18
C THR G 63 -19.25 -12.57 -19.20
N GLU G 64 -19.67 -13.79 -18.87
CA GLU G 64 -19.67 -14.88 -19.85
C GLU G 64 -20.71 -14.62 -20.92
N PHE G 65 -20.34 -14.81 -22.19
CA PHE G 65 -21.33 -14.71 -23.26
C PHE G 65 -21.03 -15.57 -24.52
N THR G 66 -22.09 -16.08 -25.16
CA THR G 66 -22.02 -16.67 -26.52
C THR G 66 -22.39 -15.66 -27.64
N PRO G 67 -21.45 -15.32 -28.54
CA PRO G 67 -21.79 -14.32 -29.59
C PRO G 67 -22.60 -14.89 -30.76
N THR G 68 -23.54 -14.09 -31.28
CA THR G 68 -24.28 -14.38 -32.51
C THR G 68 -24.27 -13.15 -33.42
N GLU G 69 -24.24 -13.41 -34.71
CA GLU G 69 -23.86 -12.41 -35.71
C GLU G 69 -24.64 -11.08 -35.66
N LYS G 70 -25.88 -11.12 -35.17
CA LYS G 70 -26.65 -9.89 -35.08
C LYS G 70 -26.78 -9.40 -33.63
N ASP G 71 -26.29 -10.20 -32.68
CA ASP G 71 -26.30 -9.86 -31.24
C ASP G 71 -25.17 -8.89 -30.96
N GLU G 72 -25.54 -7.73 -30.42
CA GLU G 72 -24.61 -6.62 -30.17
C GLU G 72 -24.44 -6.28 -28.70
N TYR G 73 -23.24 -5.83 -28.37
CA TYR G 73 -22.86 -5.66 -27.01
C TYR G 73 -22.16 -4.32 -26.72
N ALA G 74 -22.32 -3.84 -25.49
CA ALA G 74 -21.79 -2.54 -25.07
C ALA G 74 -21.57 -2.51 -23.57
N CYS G 75 -21.02 -1.38 -23.15
CA CYS G 75 -20.67 -1.15 -21.77
C CYS G 75 -21.14 0.26 -21.51
N ARG G 76 -21.88 0.48 -20.42
CA ARG G 76 -22.21 1.77 -19.90
C ARG G 76 -21.55 2.03 -18.53
N VAL G 77 -20.75 3.09 -18.48
CA VAL G 77 -20.09 3.57 -17.26
C VAL G 77 -20.69 4.91 -16.76
N ASN G 78 -21.02 4.94 -15.49
CA ASN G 78 -21.58 6.11 -14.84
C ASN G 78 -20.80 6.39 -13.58
N HIS G 79 -20.54 7.65 -13.31
CA HIS G 79 -20.13 8.17 -12.02
C HIS G 79 -21.20 7.95 -10.93
N VAL G 80 -20.76 7.42 -9.81
CA VAL G 80 -21.65 7.19 -8.66
C VAL G 80 -21.42 8.32 -7.61
N THR G 81 -22.50 8.98 -7.16
CA THR G 81 -22.49 9.93 -6.02
C THR G 81 -23.39 9.40 -4.89
N LEU G 82 -22.84 9.37 -3.66
CA LEU G 82 -23.53 8.83 -2.49
C LEU G 82 -24.00 9.96 -1.63
N SER G 83 -25.19 9.81 -1.10
CA SER G 83 -25.80 10.95 -0.46
C SER G 83 -26.72 10.39 0.64
N GLN G 84 -27.25 11.28 1.46
CA GLN G 84 -28.37 10.96 2.37
C GLN G 84 -28.33 9.64 3.15
N PRO G 85 -27.26 9.46 3.97
CA PRO G 85 -27.15 8.15 4.66
C PRO G 85 -28.34 7.91 5.60
N LYS G 86 -28.83 6.68 5.63
CA LYS G 86 -29.73 6.28 6.69
C LYS G 86 -29.04 5.20 7.50
N ILE G 87 -28.88 5.45 8.82
CA ILE G 87 -28.21 4.54 9.73
C ILE G 87 -29.16 3.77 10.62
N VAL G 88 -28.92 2.44 10.77
CA VAL G 88 -29.72 1.69 11.68
C VAL G 88 -28.78 0.94 12.56
N LYS G 89 -28.89 1.11 13.88
CA LYS G 89 -28.07 0.43 14.84
C LYS G 89 -28.60 -0.94 15.08
N TRP G 90 -27.72 -1.90 15.27
CA TRP G 90 -28.02 -3.22 15.80
C TRP G 90 -28.46 -3.18 17.29
N ASP G 91 -29.72 -3.49 17.57
CA ASP G 91 -30.26 -3.52 18.97
C ASP G 91 -30.22 -4.93 19.51
N ARG G 92 -29.25 -5.18 20.38
CA ARG G 92 -28.88 -6.48 20.92
C ARG G 92 -29.96 -7.20 21.77
#